data_9NA5
#
_entry.id   9NA5
#
_cell.length_a   87.261
_cell.length_b   141.638
_cell.length_c   111.259
_cell.angle_alpha   90.000
_cell.angle_beta   93.560
_cell.angle_gamma   90.000
#
_symmetry.space_group_name_H-M   'I 1 2 1'
#
loop_
_entity.id
_entity.type
_entity.pdbx_description
1 polymer 'Interleukin-1 receptor-associated kinase 4'
2 non-polymer (6P)-6-[(8R)-3-cyanopyrrolo[1,2-b]pyridazin-7-yl]-4-({(1s,4S)-4-[1-(difluoromethyl)-1H-pyrazol-4-yl]cyclohexyl}amino)-N-[(2S)-2-fluoro-3-hydroxy-3-methylbutyl]pyridine-3-carboxamide
3 non-polymer 'SULFATE ION'
4 water water
#
_entity_poly.entity_id   1
_entity_poly.type   'polypeptide(L)'
_entity_poly.pdbx_seq_one_letter_code
;GAMVSDTRFHSFSFYELKNVTNNFDERPISVGGNKMGEGGFGVVYKGYVNNTTVAVKKLAAMVDITTEELKQQFDQEIKV
MAKCQHENLVELLGFSSDGDDLCLVYVYMPNGSLLDRLSCLDGTPPLSWHMRCKIAQGAANGINFLHENHHIHRDIKSAN
ILLDEAFTAKISDFGLARASEKFAQ(TPO)VM(TPO)(SEP)RIVGTTAYMAPEALRGEITPKSDIYSFGVVLLEIITGL
PAVDEHREPQLLLDIKEEIEDEEKTIEDYIDKKMNDADSTSVEAMYSVASQCLHEKKNKRPDIKKVQQLLQEMTAS
;
_entity_poly.pdbx_strand_id   A,B,C,D
#
# COMPACT_ATOMS: atom_id res chain seq x y z
N ASP A 6 -22.28 -3.96 25.05
CA ASP A 6 -21.03 -3.22 25.26
C ASP A 6 -19.81 -4.11 25.04
N THR A 7 -18.77 -3.54 24.45
CA THR A 7 -17.53 -4.27 24.27
C THR A 7 -16.78 -4.32 25.61
N ARG A 8 -16.20 -5.49 25.91
CA ARG A 8 -15.42 -5.69 27.11
C ARG A 8 -13.94 -5.60 26.78
N PHE A 9 -13.17 -5.01 27.69
CA PHE A 9 -11.78 -4.66 27.47
C PHE A 9 -10.90 -5.37 28.49
N HIS A 10 -9.66 -5.62 28.09
CA HIS A 10 -8.70 -6.28 28.97
C HIS A 10 -7.97 -5.27 29.83
N SER A 11 -7.92 -5.52 31.13
CA SER A 11 -7.18 -4.69 32.06
C SER A 11 -5.78 -5.24 32.19
N PHE A 12 -4.82 -4.56 31.56
CA PHE A 12 -3.42 -4.95 31.63
C PHE A 12 -2.78 -4.36 32.89
N SER A 13 -1.79 -5.05 33.43
CA SER A 13 -0.87 -4.42 34.37
C SER A 13 0.13 -3.57 33.61
N PHE A 14 0.47 -2.41 34.19
CA PHE A 14 1.43 -1.53 33.52
C PHE A 14 2.70 -2.29 33.10
N TYR A 15 3.24 -3.14 33.99
CA TYR A 15 4.51 -3.78 33.66
C TYR A 15 4.40 -4.60 32.38
N GLU A 16 3.23 -5.17 32.10
CA GLU A 16 3.05 -5.91 30.85
C GLU A 16 3.19 -5.00 29.64
N LEU A 17 2.67 -3.77 29.72
CA LEU A 17 2.75 -2.88 28.57
C LEU A 17 4.14 -2.32 28.41
N LYS A 18 4.85 -2.13 29.52
CA LYS A 18 6.28 -1.85 29.45
C LYS A 18 7.00 -2.93 28.65
N ASN A 19 6.67 -4.19 28.88
CA ASN A 19 7.34 -5.27 28.16
C ASN A 19 7.00 -5.25 26.68
N VAL A 20 5.71 -5.11 26.32
CA VAL A 20 5.38 -5.23 24.91
C VAL A 20 5.90 -4.05 24.09
N THR A 21 6.13 -2.88 24.71
CA THR A 21 6.64 -1.72 23.97
C THR A 21 8.14 -1.55 24.11
N ASN A 22 8.86 -2.57 24.58
CA ASN A 22 10.30 -2.50 24.83
C ASN A 22 10.67 -1.33 25.72
N ASN A 23 9.96 -1.22 26.84
CA ASN A 23 10.11 -0.12 27.80
C ASN A 23 9.86 1.22 27.12
N PHE A 24 8.77 1.28 26.35
CA PHE A 24 8.37 2.53 25.71
C PHE A 24 9.53 3.16 24.96
N ASP A 25 10.14 2.33 24.09
CA ASP A 25 11.35 2.73 23.39
C ASP A 25 11.05 3.89 22.45
N GLU A 26 11.79 4.98 22.60
CA GLU A 26 11.47 6.23 21.94
C GLU A 26 12.03 6.36 20.53
N ARG A 27 12.84 5.42 20.06
CA ARG A 27 13.29 5.49 18.68
C ARG A 27 12.12 5.23 17.74
N PRO A 28 12.12 5.82 16.55
CA PRO A 28 11.01 5.62 15.60
C PRO A 28 10.91 4.15 15.21
N ILE A 29 9.67 3.69 14.94
CA ILE A 29 9.54 2.33 14.43
C ILE A 29 10.25 2.18 13.10
N SER A 30 10.44 3.28 12.35
CA SER A 30 11.11 3.21 11.05
C SER A 30 12.56 2.76 11.16
N VAL A 31 13.14 2.79 12.34
CA VAL A 31 14.51 2.32 12.53
C VAL A 31 14.58 1.22 13.57
N GLY A 32 13.44 0.58 13.86
CA GLY A 32 13.41 -0.53 14.78
C GLY A 32 13.09 -0.19 16.22
N GLY A 33 12.72 1.06 16.52
CA GLY A 33 12.23 1.41 17.83
C GLY A 33 10.73 1.14 17.93
N ASN A 34 10.08 1.79 18.89
CA ASN A 34 8.66 1.55 19.11
C ASN A 34 7.79 2.80 18.99
N LYS A 35 8.39 3.98 18.81
CA LYS A 35 7.61 5.21 18.80
C LYS A 35 6.94 5.42 17.45
N MET A 36 5.62 5.66 17.46
CA MET A 36 4.87 5.86 16.23
C MET A 36 4.40 7.31 16.02
N GLY A 37 4.27 8.09 17.09
CA GLY A 37 3.80 9.45 16.97
C GLY A 37 3.57 10.02 18.34
N GLU A 38 3.29 11.30 18.38
CA GLU A 38 3.18 11.98 19.67
C GLU A 38 2.53 13.34 19.53
N GLY A 39 2.19 13.90 20.68
CA GLY A 39 1.70 15.26 20.74
C GLY A 39 1.54 15.64 22.19
N GLY A 40 0.78 16.73 22.41
CA GLY A 40 0.51 17.14 23.78
C GLY A 40 -0.21 16.09 24.60
N PHE A 41 -0.90 15.16 23.94
CA PHE A 41 -1.67 14.11 24.60
C PHE A 41 -0.77 13.05 25.23
N GLY A 42 0.45 12.90 24.72
CA GLY A 42 1.24 11.73 25.03
C GLY A 42 1.92 11.15 23.81
N VAL A 43 2.25 9.87 23.89
CA VAL A 43 3.04 9.20 22.86
C VAL A 43 2.38 7.86 22.58
N VAL A 44 2.39 7.46 21.31
CA VAL A 44 1.83 6.18 20.87
C VAL A 44 2.98 5.29 20.42
N TYR A 45 2.98 4.07 20.93
CA TYR A 45 4.03 3.08 20.71
C TYR A 45 3.47 1.83 20.06
N LYS A 46 4.30 1.19 19.26
CA LYS A 46 3.96 -0.11 18.70
C LYS A 46 4.37 -1.24 19.66
N GLY A 47 3.64 -2.37 19.58
CA GLY A 47 4.06 -3.54 20.32
C GLY A 47 3.31 -4.76 19.83
N TYR A 48 3.61 -5.90 20.42
CA TYR A 48 2.92 -7.15 20.16
C TYR A 48 2.39 -7.73 21.46
N VAL A 49 1.12 -8.07 21.50
CA VAL A 49 0.50 -8.77 22.62
C VAL A 49 -0.06 -10.07 22.07
N ASN A 50 0.48 -11.20 22.52
CA ASN A 50 -0.08 -12.48 22.07
C ASN A 50 -0.15 -12.54 20.55
N ASN A 51 0.93 -12.09 19.89
CA ASN A 51 1.11 -12.04 18.44
C ASN A 51 0.24 -11.00 17.75
N THR A 52 -0.55 -10.23 18.50
CA THR A 52 -1.38 -9.18 17.93
C THR A 52 -0.60 -7.89 17.94
N THR A 53 -0.48 -7.25 16.76
CA THR A 53 0.16 -5.93 16.72
C THR A 53 -0.79 -4.90 17.31
N VAL A 54 -0.26 -4.09 18.22
CA VAL A 54 -1.10 -3.15 18.96
C VAL A 54 -0.44 -1.77 18.90
N ALA A 55 -1.28 -0.76 19.12
CA ALA A 55 -0.83 0.60 19.44
C ALA A 55 -1.12 0.86 20.91
N VAL A 56 -0.12 1.38 21.63
CA VAL A 56 -0.24 1.65 23.06
C VAL A 56 -0.08 3.16 23.23
N LYS A 57 -1.14 3.84 23.63
CA LYS A 57 -1.07 5.28 23.86
C LYS A 57 -0.79 5.48 25.34
N LYS A 58 0.34 6.07 25.66
CA LYS A 58 0.68 6.39 27.04
C LYS A 58 0.39 7.87 27.28
N LEU A 59 -0.56 8.15 28.16
CA LEU A 59 -0.99 9.53 28.36
C LEU A 59 0.06 10.32 29.13
N ALA A 60 0.22 11.59 28.77
CA ALA A 60 1.15 12.47 29.45
C ALA A 60 0.40 13.62 30.12
N ALA A 61 0.98 14.14 31.20
CA ALA A 61 0.44 15.30 31.91
C ALA A 61 0.58 16.58 31.09
N ASP A 64 -2.11 22.95 32.86
CA ASP A 64 -2.95 22.84 31.67
C ASP A 64 -4.09 21.84 31.90
N ILE A 65 -3.75 20.67 32.43
CA ILE A 65 -4.73 19.63 32.75
C ILE A 65 -4.35 19.03 34.10
N THR A 66 -5.32 18.95 35.02
CA THR A 66 -5.06 18.29 36.28
C THR A 66 -5.02 16.78 36.08
N THR A 67 -4.45 16.08 37.06
CA THR A 67 -4.48 14.61 37.05
C THR A 67 -5.91 14.12 36.99
N GLU A 68 -6.81 14.74 37.76
CA GLU A 68 -8.22 14.34 37.71
C GLU A 68 -8.77 14.52 36.30
N GLU A 69 -8.46 15.65 35.66
CA GLU A 69 -8.94 15.89 34.29
C GLU A 69 -8.39 14.84 33.32
N LEU A 70 -7.10 14.53 33.41
CA LEU A 70 -6.54 13.51 32.56
C LEU A 70 -7.24 12.17 32.76
N LYS A 71 -7.55 11.83 34.01
CA LYS A 71 -8.31 10.61 34.29
C LYS A 71 -9.70 10.67 33.65
N GLN A 72 -10.35 11.83 33.68
CA GLN A 72 -11.65 11.98 33.00
C GLN A 72 -11.54 11.65 31.51
N GLN A 73 -10.46 12.11 30.87
CA GLN A 73 -10.35 11.86 29.43
C GLN A 73 -10.07 10.39 29.15
N PHE A 74 -9.25 9.75 30.00
CA PHE A 74 -9.05 8.31 29.96
C PHE A 74 -10.36 7.55 30.15
N ASP A 75 -11.13 7.90 31.19
CA ASP A 75 -12.42 7.25 31.42
C ASP A 75 -13.37 7.48 30.26
N GLN A 76 -13.34 8.67 29.68
CA GLN A 76 -14.28 9.00 28.62
C GLN A 76 -13.98 8.19 27.37
N GLU A 77 -12.70 8.00 27.05
CA GLU A 77 -12.35 7.21 25.87
C GLU A 77 -12.83 5.78 26.03
N ILE A 78 -12.69 5.22 27.24
CA ILE A 78 -13.13 3.84 27.44
C ILE A 78 -14.64 3.73 27.35
N LYS A 79 -15.37 4.73 27.88
CA LYS A 79 -16.82 4.70 27.80
C LYS A 79 -17.32 4.84 26.37
N VAL A 80 -16.70 5.72 25.58
CA VAL A 80 -17.13 5.90 24.20
C VAL A 80 -16.83 4.65 23.39
N MET A 81 -15.65 4.08 23.58
CA MET A 81 -15.26 2.91 22.80
C MET A 81 -16.08 1.68 23.19
N ALA A 82 -16.52 1.60 24.44
CA ALA A 82 -17.41 0.52 24.85
C ALA A 82 -18.72 0.54 24.08
N LYS A 83 -19.22 1.74 23.73
CA LYS A 83 -20.54 1.89 23.11
C LYS A 83 -20.50 1.92 21.60
N CYS A 84 -19.38 2.35 21.01
CA CYS A 84 -19.30 2.68 19.59
C CYS A 84 -18.34 1.73 18.88
N GLN A 85 -18.89 0.75 18.15
CA GLN A 85 -18.08 -0.14 17.33
C GLN A 85 -18.54 0.00 15.88
N HIS A 86 -17.60 0.30 15.00
CA HIS A 86 -17.90 0.60 13.61
C HIS A 86 -16.61 0.51 12.82
N GLU A 87 -16.72 0.09 11.55
CA GLU A 87 -15.49 -0.12 10.78
C GLU A 87 -14.76 1.17 10.43
N ASN A 88 -15.38 2.33 10.60
CA ASN A 88 -14.66 3.59 10.42
C ASN A 88 -14.32 4.25 11.76
N LEU A 89 -14.20 3.46 12.82
CA LEU A 89 -13.67 3.90 14.10
C LEU A 89 -12.59 2.91 14.54
N VAL A 90 -11.56 3.42 15.23
CA VAL A 90 -10.55 2.52 15.76
C VAL A 90 -11.17 1.62 16.83
N GLU A 91 -10.44 0.57 17.19
CA GLU A 91 -10.94 -0.42 18.13
C GLU A 91 -10.01 -0.52 19.33
N LEU A 92 -10.55 -0.26 20.53
CA LEU A 92 -9.82 -0.42 21.77
C LEU A 92 -9.81 -1.89 22.21
N LEU A 93 -8.64 -2.35 22.66
CA LEU A 93 -8.49 -3.71 23.17
C LEU A 93 -8.39 -3.77 24.67
N GLY A 94 -7.82 -2.76 25.29
CA GLY A 94 -7.54 -2.85 26.71
C GLY A 94 -6.91 -1.56 27.20
N PHE A 95 -6.50 -1.60 28.46
CA PHE A 95 -5.98 -0.41 29.12
C PHE A 95 -5.19 -0.85 30.34
N SER A 96 -4.40 0.08 30.87
CA SER A 96 -3.75 -0.10 32.17
CA SER A 96 -3.76 -0.11 32.18
C SER A 96 -3.94 1.17 32.98
N SER A 97 -4.29 1.01 34.27
CA SER A 97 -4.42 2.16 35.13
C SER A 97 -3.82 1.93 36.51
N ASP A 98 -3.04 0.87 36.71
CA ASP A 98 -2.42 0.68 38.02
C ASP A 98 -1.25 1.66 38.16
N GLY A 99 -1.04 2.14 39.39
CA GLY A 99 0.03 3.08 39.61
C GLY A 99 -0.29 4.47 39.06
N ASP A 100 0.77 5.20 38.67
CA ASP A 100 0.68 6.58 38.23
C ASP A 100 0.83 6.73 36.71
N ASP A 101 0.38 5.73 35.96
CA ASP A 101 0.40 5.80 34.51
C ASP A 101 -0.97 5.42 33.97
N LEU A 102 -1.29 5.93 32.80
CA LEU A 102 -2.53 5.57 32.11
C LEU A 102 -2.15 5.19 30.69
N CYS A 103 -2.52 3.98 30.27
CA CYS A 103 -2.26 3.51 28.93
C CYS A 103 -3.54 2.96 28.31
N LEU A 104 -3.69 3.20 27.00
CA LEU A 104 -4.79 2.68 26.20
C LEU A 104 -4.20 1.82 25.09
N VAL A 105 -4.79 0.64 24.86
CA VAL A 105 -4.23 -0.36 23.92
C VAL A 105 -5.25 -0.60 22.83
N TYR A 106 -4.83 -0.41 21.56
CA TYR A 106 -5.72 -0.50 20.40
C TYR A 106 -5.17 -1.51 19.38
N VAL A 107 -6.05 -1.90 18.45
CA VAL A 107 -5.59 -2.65 17.28
C VAL A 107 -4.76 -1.71 16.42
N TYR A 108 -3.55 -2.16 16.07
CA TYR A 108 -2.59 -1.36 15.32
C TYR A 108 -3.09 -1.04 13.92
N MET A 109 -2.76 0.19 13.46
CA MET A 109 -3.26 0.65 12.16
C MET A 109 -2.08 0.63 11.18
N PRO A 110 -2.03 -0.29 10.20
CA PRO A 110 -0.79 -0.41 9.38
C PRO A 110 -0.38 0.81 8.58
N ASN A 111 -1.28 1.75 8.28
CA ASN A 111 -0.89 2.92 7.51
C ASN A 111 -0.95 4.22 8.30
N GLY A 112 -0.94 4.15 9.63
CA GLY A 112 -0.72 5.36 10.44
C GLY A 112 -1.82 6.37 10.27
N SER A 113 -1.45 7.65 10.35
CA SER A 113 -2.44 8.72 10.26
C SER A 113 -2.52 9.28 8.84
N LEU A 114 -3.70 9.83 8.52
CA LEU A 114 -3.87 10.56 7.27
C LEU A 114 -2.88 11.72 7.16
N LEU A 115 -2.70 12.48 8.24
CA LEU A 115 -1.73 13.58 8.23
C LEU A 115 -0.36 13.11 7.75
N ASP A 116 0.11 11.98 8.29
CA ASP A 116 1.43 11.47 7.94
C ASP A 116 1.48 10.91 6.51
N ARG A 117 0.39 10.28 6.03
CA ARG A 117 0.44 9.78 4.66
C ARG A 117 0.32 10.94 3.65
N LEU A 118 -0.32 12.04 4.02
CA LEU A 118 -0.34 13.19 3.11
C LEU A 118 1.04 13.84 3.01
N SER A 119 1.84 13.75 4.07
CA SER A 119 3.19 14.33 4.02
C SER A 119 4.23 13.31 3.61
N CYS A 120 3.81 12.05 3.36
CA CYS A 120 4.70 10.96 2.96
C CYS A 120 5.78 10.71 4.00
N LEU A 121 5.41 10.86 5.27
CA LEU A 121 6.33 10.59 6.37
C LEU A 121 6.90 9.17 6.27
N ASP A 122 8.22 9.05 6.50
CA ASP A 122 8.95 7.78 6.47
C ASP A 122 8.98 7.14 5.08
N GLY A 123 8.66 7.91 4.05
CA GLY A 123 8.84 7.46 2.68
C GLY A 123 7.69 6.68 2.08
N THR A 124 6.49 6.78 2.64
CA THR A 124 5.34 6.14 2.00
C THR A 124 4.98 6.88 0.70
N PRO A 125 4.41 6.18 -0.27
CA PRO A 125 4.13 6.83 -1.56
C PRO A 125 2.96 7.78 -1.45
N PRO A 126 2.94 8.84 -2.25
CA PRO A 126 1.81 9.78 -2.23
C PRO A 126 0.50 9.06 -2.50
N LEU A 127 -0.55 9.47 -1.78
CA LEU A 127 -1.87 8.92 -2.01
C LEU A 127 -2.47 9.42 -3.33
N SER A 128 -3.11 8.53 -4.06
CA SER A 128 -3.79 8.91 -5.29
C SER A 128 -5.05 9.69 -4.97
N TRP A 129 -5.53 10.46 -5.95
CA TRP A 129 -6.80 11.16 -5.76
C TRP A 129 -7.94 10.17 -5.55
N HIS A 130 -7.91 9.03 -6.26
CA HIS A 130 -8.94 8.03 -6.09
C HIS A 130 -8.98 7.53 -4.64
N MET A 131 -7.80 7.28 -4.04
CA MET A 131 -7.77 6.86 -2.65
CA MET A 131 -7.76 6.86 -2.65
C MET A 131 -8.20 7.97 -1.71
N ARG A 132 -7.84 9.22 -2.01
CA ARG A 132 -8.22 10.30 -1.11
C ARG A 132 -9.74 10.45 -1.05
N CYS A 133 -10.42 10.23 -2.17
CA CYS A 133 -11.87 10.32 -2.18
C CYS A 133 -12.49 9.25 -1.30
N LYS A 134 -11.95 8.02 -1.36
CA LYS A 134 -12.49 6.93 -0.53
C LYS A 134 -12.22 7.18 0.95
N ILE A 135 -11.05 7.75 1.27
CA ILE A 135 -10.72 8.06 2.67
C ILE A 135 -11.65 9.13 3.22
N ALA A 136 -11.93 10.17 2.43
CA ALA A 136 -12.86 11.20 2.88
C ALA A 136 -14.25 10.61 3.17
N GLN A 137 -14.75 9.77 2.25
CA GLN A 137 -16.03 9.11 2.45
C GLN A 137 -16.03 8.26 3.72
N GLY A 138 -14.95 7.47 3.92
CA GLY A 138 -14.86 6.67 5.12
C GLY A 138 -14.83 7.50 6.39
N ALA A 139 -14.03 8.57 6.41
CA ALA A 139 -13.99 9.45 7.56
C ALA A 139 -15.38 10.04 7.85
N ALA A 140 -16.07 10.55 6.82
CA ALA A 140 -17.42 11.06 7.05
C ALA A 140 -18.35 9.96 7.57
N ASN A 141 -18.17 8.71 7.11
CA ASN A 141 -19.02 7.64 7.62
C ASN A 141 -18.79 7.41 9.11
N GLY A 142 -17.54 7.55 9.57
CA GLY A 142 -17.27 7.41 10.99
C GLY A 142 -17.85 8.55 11.81
N ILE A 143 -17.68 9.78 11.33
CA ILE A 143 -18.28 10.91 12.05
C ILE A 143 -19.79 10.77 12.09
N ASN A 144 -20.40 10.30 10.99
CA ASN A 144 -21.83 10.10 11.00
C ASN A 144 -22.25 9.10 12.07
N PHE A 145 -21.51 7.99 12.21
CA PHE A 145 -21.83 7.04 13.27
C PHE A 145 -21.74 7.68 14.64
N LEU A 146 -20.67 8.45 14.89
CA LEU A 146 -20.55 9.16 16.16
C LEU A 146 -21.75 10.07 16.41
N HIS A 147 -22.11 10.90 15.42
CA HIS A 147 -23.20 11.85 15.62
C HIS A 147 -24.54 11.15 15.75
N GLU A 148 -24.76 10.08 15.00
CA GLU A 148 -26.00 9.31 15.15
C GLU A 148 -26.11 8.74 16.57
N ASN A 149 -24.99 8.45 17.22
CA ASN A 149 -24.98 7.99 18.59
C ASN A 149 -24.74 9.12 19.58
N HIS A 150 -24.95 10.37 19.14
CA HIS A 150 -25.00 11.54 20.02
C HIS A 150 -23.66 11.81 20.72
N HIS A 151 -22.57 11.64 20.00
CA HIS A 151 -21.24 12.04 20.47
C HIS A 151 -20.71 13.14 19.57
N ILE A 152 -20.21 14.21 20.18
CA ILE A 152 -19.41 15.22 19.50
C ILE A 152 -17.95 14.90 19.76
N HIS A 153 -17.15 14.86 18.69
CA HIS A 153 -15.76 14.43 18.82
C HIS A 153 -14.89 15.51 19.47
N ARG A 154 -14.94 16.74 18.95
CA ARG A 154 -14.27 17.93 19.46
C ARG A 154 -12.79 18.01 19.05
N ASP A 155 -12.24 17.02 18.34
CA ASP A 155 -10.86 17.12 17.90
C ASP A 155 -10.70 16.39 16.56
N ILE A 156 -11.59 16.68 15.62
CA ILE A 156 -11.41 16.17 14.26
C ILE A 156 -10.21 16.85 13.60
N LYS A 157 -9.29 16.04 13.09
CA LYS A 157 -8.11 16.52 12.39
C LYS A 157 -7.47 15.33 11.71
N SER A 158 -6.58 15.61 10.74
CA SER A 158 -6.06 14.47 9.96
C SER A 158 -5.12 13.58 10.77
N ALA A 159 -4.56 14.08 11.89
CA ALA A 159 -3.78 13.20 12.77
C ALA A 159 -4.63 12.20 13.50
N ASN A 160 -5.93 12.48 13.67
CA ASN A 160 -6.89 11.59 14.31
C ASN A 160 -7.71 10.78 13.32
N ILE A 161 -7.33 10.76 12.05
CA ILE A 161 -7.97 9.89 11.07
C ILE A 161 -6.90 8.90 10.67
N LEU A 162 -7.05 7.65 11.10
CA LEU A 162 -6.03 6.65 10.88
C LEU A 162 -6.44 5.72 9.73
N LEU A 163 -5.49 4.90 9.28
CA LEU A 163 -5.66 4.16 8.03
C LEU A 163 -5.20 2.72 8.22
N ASP A 164 -6.09 1.77 7.91
CA ASP A 164 -5.65 0.37 8.05
C ASP A 164 -4.91 -0.10 6.81
N GLU A 165 -4.75 -1.42 6.69
CA GLU A 165 -3.92 -1.99 5.63
C GLU A 165 -4.51 -1.72 4.25
N ALA A 166 -5.83 -1.62 4.13
CA ALA A 166 -6.47 -1.28 2.87
C ALA A 166 -6.83 0.20 2.77
N PHE A 167 -6.25 1.03 3.64
CA PHE A 167 -6.47 2.49 3.70
C PHE A 167 -7.93 2.84 4.03
N THR A 168 -8.62 1.93 4.72
CA THR A 168 -9.92 2.25 5.30
C THR A 168 -9.72 3.29 6.40
N ALA A 169 -10.49 4.38 6.35
CA ALA A 169 -10.29 5.46 7.31
C ALA A 169 -10.99 5.16 8.64
N LYS A 170 -10.31 5.45 9.74
CA LYS A 170 -10.83 5.15 11.07
C LYS A 170 -10.63 6.34 12.00
N ILE A 171 -11.73 6.90 12.51
CA ILE A 171 -11.61 8.02 13.45
C ILE A 171 -11.01 7.52 14.75
N SER A 172 -10.13 8.33 15.37
CA SER A 172 -9.51 7.99 16.65
C SER A 172 -9.57 9.17 17.61
N ASP A 173 -9.20 8.89 18.86
CA ASP A 173 -9.05 9.85 19.96
C ASP A 173 -10.37 10.43 20.42
N PHE A 174 -11.05 9.73 21.34
CA PHE A 174 -12.33 10.17 21.86
C PHE A 174 -12.24 10.71 23.28
N GLY A 175 -11.03 11.04 23.75
CA GLY A 175 -10.86 11.55 25.10
C GLY A 175 -11.58 12.86 25.36
N LEU A 176 -11.87 13.64 24.33
CA LEU A 176 -12.57 14.91 24.50
C LEU A 176 -14.03 14.85 24.09
N ALA A 177 -14.54 13.67 23.73
CA ALA A 177 -15.91 13.56 23.24
C ALA A 177 -16.92 14.04 24.28
N ARG A 178 -18.02 14.59 23.79
CA ARG A 178 -19.11 15.05 24.65
C ARG A 178 -20.43 14.58 24.05
N ALA A 179 -21.42 14.36 24.91
CA ALA A 179 -22.77 14.06 24.42
C ALA A 179 -23.35 15.24 23.66
N SER A 180 -24.21 14.94 22.69
CA SER A 180 -24.90 15.99 21.93
C SER A 180 -26.36 16.04 22.36
N GLN A 185 -30.45 24.32 24.09
CA GLN A 185 -29.73 25.57 24.33
C GLN A 185 -28.29 25.41 23.88
N VAL A 187 -24.63 24.88 24.49
CA VAL A 187 -23.82 24.37 25.57
C VAL A 187 -22.45 25.04 25.51
N MET A 188 -22.02 25.56 26.66
CA MET A 188 -20.67 26.09 26.79
C MET A 188 -19.82 25.39 27.83
N ARG A 191 -13.48 25.44 29.80
CA ARG A 191 -12.19 24.87 29.43
C ARG A 191 -12.15 24.56 27.95
N ILE A 192 -11.66 25.50 27.14
CA ILE A 192 -11.65 25.33 25.70
C ILE A 192 -10.56 24.34 25.32
N VAL A 193 -10.92 23.32 24.57
CA VAL A 193 -9.99 22.29 24.14
C VAL A 193 -10.16 22.10 22.64
N GLY A 194 -9.12 21.52 22.03
CA GLY A 194 -9.12 21.27 20.60
C GLY A 194 -7.79 21.65 19.98
N THR A 195 -7.67 21.51 18.67
CA THR A 195 -6.46 21.91 17.94
C THR A 195 -6.75 23.17 17.14
N THR A 196 -6.07 24.27 17.48
CA THR A 196 -6.50 25.60 17.04
C THR A 196 -6.67 25.71 15.52
N ALA A 197 -5.77 25.10 14.74
CA ALA A 197 -5.82 25.29 13.29
C ALA A 197 -7.03 24.63 12.63
N TYR A 198 -7.74 23.75 13.34
CA TYR A 198 -8.91 23.07 12.81
C TYR A 198 -10.23 23.56 13.41
N MET A 199 -10.19 24.38 14.46
CA MET A 199 -11.43 24.65 15.18
C MET A 199 -12.31 25.71 14.55
N ALA A 200 -13.62 25.46 14.63
CA ALA A 200 -14.63 26.43 14.26
C ALA A 200 -14.51 27.66 15.17
N PRO A 201 -14.94 28.83 14.70
CA PRO A 201 -14.88 30.01 15.57
C PRO A 201 -15.66 29.84 16.86
N GLU A 202 -16.86 29.23 16.80
CA GLU A 202 -17.63 29.09 18.04
C GLU A 202 -16.95 28.14 19.01
N ALA A 203 -16.20 27.16 18.50
CA ALA A 203 -15.49 26.23 19.37
C ALA A 203 -14.34 26.93 20.10
N LEU A 204 -13.66 27.84 19.41
CA LEU A 204 -12.59 28.63 20.04
C LEU A 204 -13.09 29.51 21.19
N ARG A 205 -14.39 29.77 21.27
CA ARG A 205 -14.91 30.60 22.35
C ARG A 205 -15.66 29.81 23.42
N GLY A 206 -15.69 28.49 23.33
CA GLY A 206 -16.24 27.66 24.37
C GLY A 206 -17.55 26.98 24.07
N GLU A 207 -18.08 27.11 22.85
CA GLU A 207 -19.30 26.41 22.49
C GLU A 207 -18.98 24.96 22.19
N ILE A 208 -19.95 24.10 22.51
CA ILE A 208 -19.86 22.65 22.28
C ILE A 208 -21.06 22.27 21.42
N THR A 209 -20.82 21.92 20.16
CA THR A 209 -21.90 21.60 19.24
C THR A 209 -21.36 20.68 18.14
N PRO A 210 -22.16 19.73 17.66
CA PRO A 210 -21.69 18.85 16.57
C PRO A 210 -21.38 19.61 15.29
N LYS A 211 -21.94 20.81 15.12
CA LYS A 211 -21.63 21.62 13.96
C LYS A 211 -20.15 22.02 13.91
N SER A 212 -19.45 22.01 15.03
CA SER A 212 -18.02 22.29 14.99
C SER A 212 -17.22 21.13 14.39
N ASP A 213 -17.68 19.88 14.58
CA ASP A 213 -17.03 18.74 13.95
C ASP A 213 -17.05 18.87 12.42
N ILE A 214 -18.17 19.38 11.89
CA ILE A 214 -18.32 19.59 10.45
C ILE A 214 -17.31 20.60 9.93
N TYR A 215 -17.13 21.70 10.66
CA TYR A 215 -16.15 22.71 10.27
C TYR A 215 -14.74 22.13 10.27
N SER A 216 -14.35 21.41 11.34
CA SER A 216 -13.02 20.80 11.36
C SER A 216 -12.85 19.79 10.21
N PHE A 217 -13.92 19.06 9.88
CA PHE A 217 -13.85 18.13 8.74
C PHE A 217 -13.61 18.87 7.43
N GLY A 218 -14.17 20.08 7.30
CA GLY A 218 -13.90 20.87 6.12
C GLY A 218 -12.42 21.20 5.97
N VAL A 219 -11.75 21.49 7.08
CA VAL A 219 -10.31 21.73 7.04
C VAL A 219 -9.59 20.47 6.56
N VAL A 220 -10.06 19.30 7.00
CA VAL A 220 -9.42 18.05 6.58
C VAL A 220 -9.59 17.86 5.08
N LEU A 221 -10.75 18.20 4.54
CA LEU A 221 -10.94 18.13 3.10
C LEU A 221 -9.94 19.04 2.38
N LEU A 222 -9.66 20.22 2.94
CA LEU A 222 -8.62 21.07 2.35
C LEU A 222 -7.24 20.41 2.43
N GLU A 223 -6.94 19.73 3.54
CA GLU A 223 -5.66 19.04 3.62
C GLU A 223 -5.58 17.96 2.57
N ILE A 224 -6.69 17.27 2.33
CA ILE A 224 -6.71 16.17 1.35
C ILE A 224 -6.52 16.70 -0.07
N ILE A 225 -7.13 17.84 -0.39
CA ILE A 225 -7.04 18.41 -1.73
C ILE A 225 -5.63 18.93 -2.01
N THR A 226 -5.03 19.59 -1.02
CA THR A 226 -3.79 20.35 -1.21
C THR A 226 -2.54 19.60 -0.80
N GLY A 227 -2.66 18.60 0.06
CA GLY A 227 -1.47 17.99 0.65
C GLY A 227 -0.79 18.84 1.69
N LEU A 228 -1.39 19.98 2.09
CA LEU A 228 -0.80 20.91 3.04
C LEU A 228 -1.37 20.69 4.42
N PRO A 229 -0.55 20.71 5.49
CA PRO A 229 -1.11 20.63 6.84
C PRO A 229 -1.88 21.89 7.18
N ALA A 230 -2.82 21.74 8.10
CA ALA A 230 -3.65 22.87 8.51
C ALA A 230 -2.83 24.02 9.07
N VAL A 231 -1.71 23.74 9.71
CA VAL A 231 -0.78 24.80 10.13
C VAL A 231 0.63 24.38 9.78
N ASP A 232 1.44 25.35 9.36
CA ASP A 232 2.85 25.16 9.06
C ASP A 232 3.51 26.50 9.40
N GLU A 233 4.30 26.52 10.49
CA GLU A 233 4.89 27.76 10.94
C GLU A 233 5.88 28.33 9.92
N HIS A 234 6.40 27.48 9.04
CA HIS A 234 7.38 27.88 8.04
C HIS A 234 6.74 28.24 6.70
N ARG A 235 5.42 28.34 6.65
CA ARG A 235 4.68 28.63 5.44
C ARG A 235 4.04 30.01 5.53
N GLU A 236 3.80 30.62 4.37
CA GLU A 236 3.01 31.84 4.27
C GLU A 236 1.88 31.58 3.28
N PRO A 237 0.62 31.61 3.72
CA PRO A 237 0.15 31.84 5.09
C PRO A 237 0.40 30.62 5.97
N GLN A 238 0.59 30.80 7.27
CA GLN A 238 0.81 29.66 8.16
C GLN A 238 -0.44 28.79 8.25
N LEU A 239 -1.63 29.40 8.22
CA LEU A 239 -2.89 28.69 8.43
C LEU A 239 -3.54 28.35 7.10
N LEU A 240 -3.85 27.07 6.90
CA LEU A 240 -4.55 26.65 5.69
C LEU A 240 -5.89 27.37 5.52
N LEU A 241 -6.53 27.80 6.61
CA LEU A 241 -7.78 28.54 6.48
C LEU A 241 -7.56 29.88 5.76
N ASP A 242 -6.41 30.52 5.96
CA ASP A 242 -6.12 31.76 5.25
C ASP A 242 -5.99 31.52 3.75
N ILE A 243 -5.44 30.38 3.36
CA ILE A 243 -5.37 30.04 1.95
C ILE A 243 -6.77 29.92 1.35
N LYS A 244 -7.70 29.36 2.12
CA LYS A 244 -9.07 29.23 1.61
C LYS A 244 -9.69 30.60 1.37
N GLU A 245 -9.35 31.60 2.20
CA GLU A 245 -9.90 32.94 2.03
C GLU A 245 -9.35 33.61 0.78
N GLU A 246 -8.11 33.31 0.41
CA GLU A 246 -7.56 33.84 -0.84
C GLU A 246 -8.29 33.29 -2.05
N ILE A 247 -8.72 32.02 -2.00
CA ILE A 247 -9.50 31.47 -3.11
C ILE A 247 -10.87 32.14 -3.17
N GLU A 248 -11.57 32.21 -2.03
CA GLU A 248 -12.93 32.72 -2.04
C GLU A 248 -12.99 34.21 -2.35
N ASP A 249 -11.92 34.94 -2.09
CA ASP A 249 -11.83 36.34 -2.52
C ASP A 249 -11.20 36.48 -3.90
N GLU A 250 -10.95 35.36 -4.58
CA GLU A 250 -10.66 35.25 -6.02
C GLU A 250 -9.28 35.76 -6.42
N GLU A 251 -8.36 35.97 -5.48
CA GLU A 251 -6.97 36.15 -5.88
C GLU A 251 -6.35 34.81 -6.30
N LYS A 252 -6.88 33.69 -5.80
CA LYS A 252 -6.38 32.38 -6.13
C LYS A 252 -7.53 31.46 -6.54
N THR A 253 -7.18 30.32 -7.13
CA THR A 253 -8.14 29.27 -7.42
C THR A 253 -7.69 27.98 -6.75
N ILE A 254 -8.64 27.06 -6.56
CA ILE A 254 -8.29 25.81 -5.90
C ILE A 254 -7.32 25.00 -6.76
N GLU A 255 -7.35 25.18 -8.08
CA GLU A 255 -6.38 24.53 -8.95
C GLU A 255 -4.95 25.01 -8.69
N ASP A 256 -4.77 26.25 -8.23
CA ASP A 256 -3.43 26.69 -7.84
C ASP A 256 -2.87 25.88 -6.66
N TYR A 257 -3.72 25.24 -5.86
CA TYR A 257 -3.25 24.59 -4.66
C TYR A 257 -3.45 23.07 -4.66
N ILE A 258 -3.92 22.48 -5.76
CA ILE A 258 -4.07 21.03 -5.80
C ILE A 258 -2.70 20.38 -5.59
N ASP A 259 -2.65 19.38 -4.72
CA ASP A 259 -1.42 18.63 -4.48
C ASP A 259 -0.78 18.19 -5.80
N LYS A 260 0.46 18.61 -6.02
CA LYS A 260 1.16 18.20 -7.24
C LYS A 260 1.68 16.76 -7.19
N LYS A 261 1.62 16.12 -6.02
CA LYS A 261 2.08 14.73 -5.86
C LYS A 261 0.98 13.74 -6.21
N MET A 262 0.13 14.11 -7.15
CA MET A 262 -0.96 13.29 -7.65
C MET A 262 -0.85 13.30 -9.16
N ASN A 263 -1.25 12.20 -9.80
CA ASN A 263 -1.36 12.23 -11.25
C ASN A 263 -2.77 11.93 -11.74
N ASP A 264 -3.74 11.75 -10.84
CA ASP A 264 -5.08 11.32 -11.28
C ASP A 264 -6.20 12.24 -10.77
N ALA A 265 -5.88 13.47 -10.37
CA ALA A 265 -6.89 14.41 -9.89
C ALA A 265 -7.53 15.13 -11.07
N ASP A 266 -8.74 14.74 -11.43
CA ASP A 266 -9.49 15.49 -12.43
C ASP A 266 -10.17 16.68 -11.76
N SER A 267 -10.30 17.76 -12.54
CA SER A 267 -10.75 19.02 -11.93
C SER A 267 -12.20 18.95 -11.46
N THR A 268 -13.05 18.18 -12.12
CA THR A 268 -14.47 18.18 -11.77
C THR A 268 -14.69 17.66 -10.35
N SER A 269 -14.12 16.50 -10.02
CA SER A 269 -14.32 15.96 -8.68
C SER A 269 -13.51 16.72 -7.64
N VAL A 270 -12.40 17.33 -8.04
CA VAL A 270 -11.66 18.16 -7.09
C VAL A 270 -12.48 19.39 -6.70
N GLU A 271 -13.00 20.11 -7.70
CA GLU A 271 -13.93 21.20 -7.39
C GLU A 271 -15.14 20.72 -6.63
N ALA A 272 -15.57 19.48 -6.87
CA ALA A 272 -16.70 18.94 -6.11
C ALA A 272 -16.34 18.76 -4.64
N MET A 273 -15.13 18.30 -4.32
CA MET A 273 -14.89 18.13 -2.89
C MET A 273 -14.51 19.48 -2.28
N TYR A 274 -13.96 20.39 -3.07
CA TYR A 274 -13.76 21.74 -2.56
C TYR A 274 -15.10 22.39 -2.25
N SER A 275 -16.12 22.10 -3.06
CA SER A 275 -17.46 22.63 -2.80
C SER A 275 -17.99 22.14 -1.46
N VAL A 276 -17.77 20.86 -1.15
CA VAL A 276 -18.18 20.31 0.14
C VAL A 276 -17.43 21.00 1.26
N ALA A 277 -16.11 21.16 1.10
CA ALA A 277 -15.31 21.79 2.14
C ALA A 277 -15.78 23.22 2.37
N SER A 278 -16.06 23.94 1.30
CA SER A 278 -16.48 25.32 1.44
C SER A 278 -17.80 25.42 2.20
N GLN A 279 -18.74 24.50 1.95
CA GLN A 279 -19.99 24.46 2.72
C GLN A 279 -19.73 24.10 4.18
N CYS A 280 -18.81 23.17 4.44
CA CYS A 280 -18.45 22.83 5.81
C CYS A 280 -17.85 24.02 6.54
N LEU A 281 -17.18 24.90 5.82
CA LEU A 281 -16.42 25.99 6.41
C LEU A 281 -17.21 27.29 6.55
N HIS A 282 -18.54 27.23 6.44
CA HIS A 282 -19.32 28.43 6.70
C HIS A 282 -19.06 28.93 8.11
N GLU A 283 -18.92 30.26 8.25
CA GLU A 283 -18.59 30.79 9.57
C GLU A 283 -19.77 30.62 10.53
N LYS A 284 -20.98 30.89 10.05
CA LYS A 284 -22.19 30.69 10.85
C LYS A 284 -22.53 29.21 10.87
N LYS A 285 -22.58 28.64 12.08
CA LYS A 285 -22.66 27.18 12.21
C LYS A 285 -23.95 26.64 11.62
N ASN A 286 -25.03 27.43 11.64
CA ASN A 286 -26.31 26.92 11.16
C ASN A 286 -26.43 26.91 9.65
N LYS A 287 -25.46 27.46 8.92
CA LYS A 287 -25.46 27.29 7.46
C LYS A 287 -24.61 26.12 6.99
N ARG A 288 -23.89 25.47 7.87
CA ARG A 288 -23.15 24.31 7.44
C ARG A 288 -24.08 23.10 7.29
N PRO A 289 -23.74 22.18 6.38
CA PRO A 289 -24.48 20.92 6.29
C PRO A 289 -24.29 20.09 7.55
N ASP A 290 -25.26 19.23 7.83
CA ASP A 290 -24.99 18.21 8.82
C ASP A 290 -24.24 17.05 8.17
N ILE A 291 -23.76 16.12 8.99
CA ILE A 291 -22.86 15.09 8.50
C ILE A 291 -23.58 14.20 7.48
N LYS A 292 -24.90 14.03 7.62
CA LYS A 292 -25.63 13.22 6.67
C LYS A 292 -25.55 13.83 5.27
N LYS A 293 -25.72 15.16 5.17
CA LYS A 293 -25.60 15.85 3.90
C LYS A 293 -24.18 15.77 3.37
N VAL A 294 -23.18 15.87 4.26
CA VAL A 294 -21.79 15.75 3.82
C VAL A 294 -21.54 14.38 3.21
N GLN A 295 -22.09 13.34 3.84
CA GLN A 295 -22.00 12.00 3.27
C GLN A 295 -22.55 11.96 1.85
N GLN A 296 -23.75 12.52 1.65
CA GLN A 296 -24.40 12.46 0.35
C GLN A 296 -23.59 13.20 -0.70
N LEU A 297 -23.08 14.38 -0.35
CA LEU A 297 -22.31 15.15 -1.31
C LEU A 297 -21.04 14.41 -1.71
N LEU A 298 -20.39 13.75 -0.75
CA LEU A 298 -19.16 13.04 -1.09
C LEU A 298 -19.46 11.81 -1.94
N GLN A 299 -20.63 11.19 -1.78
CA GLN A 299 -20.98 10.06 -2.65
C GLN A 299 -21.31 10.52 -4.05
N GLU A 300 -22.01 11.67 -4.19
CA GLU A 300 -22.33 12.17 -5.53
C GLU A 300 -21.07 12.56 -6.28
N MET A 301 -20.00 12.93 -5.57
CA MET A 301 -18.79 13.38 -6.24
C MET A 301 -18.11 12.23 -6.97
N THR A 302 -18.29 11.00 -6.51
CA THR A 302 -17.69 9.84 -7.14
C THR A 302 -18.73 8.96 -7.85
N PHE B 9 27.38 13.46 -33.98
CA PHE B 9 25.95 13.45 -33.67
C PHE B 9 25.13 13.37 -34.95
N HIS B 10 23.86 13.02 -34.83
CA HIS B 10 23.00 12.87 -36.00
C HIS B 10 22.27 14.17 -36.31
N SER B 11 22.33 14.60 -37.56
CA SER B 11 21.62 15.80 -38.00
C SER B 11 20.19 15.39 -38.39
N PHE B 12 19.22 15.82 -37.59
CA PHE B 12 17.82 15.66 -37.95
C PHE B 12 17.34 16.88 -38.72
N SER B 13 16.45 16.67 -39.68
CA SER B 13 15.63 17.76 -40.16
C SER B 13 14.55 18.07 -39.14
N PHE B 14 14.11 19.33 -39.13
CA PHE B 14 13.16 19.78 -38.11
C PHE B 14 11.84 19.02 -38.19
N TYR B 15 11.39 18.71 -39.40
CA TYR B 15 10.08 18.07 -39.56
C TYR B 15 10.05 16.68 -38.93
N GLU B 16 11.18 15.96 -38.98
CA GLU B 16 11.27 14.68 -38.29
C GLU B 16 10.93 14.83 -36.81
N LEU B 17 11.57 15.79 -36.15
CA LEU B 17 11.33 15.99 -34.72
C LEU B 17 9.91 16.48 -34.46
N LYS B 18 9.39 17.32 -35.35
CA LYS B 18 7.98 17.71 -35.29
C LYS B 18 7.08 16.48 -35.28
N ASN B 19 7.30 15.57 -36.25
CA ASN B 19 6.46 14.38 -36.35
C ASN B 19 6.51 13.53 -35.08
N VAL B 20 7.71 13.25 -34.57
CA VAL B 20 7.86 12.26 -33.50
C VAL B 20 7.53 12.81 -32.12
N THR B 21 7.25 14.10 -31.99
CA THR B 21 6.78 14.66 -30.73
C THR B 21 5.28 14.94 -30.74
N ASN B 22 4.54 14.31 -31.65
CA ASN B 22 3.11 14.56 -31.83
C ASN B 22 2.85 16.04 -32.07
N ASN B 23 3.51 16.57 -33.11
CA ASN B 23 3.36 17.98 -33.49
C ASN B 23 3.76 18.92 -32.35
N PHE B 24 4.83 18.55 -31.63
CA PHE B 24 5.27 19.26 -30.42
C PHE B 24 4.08 19.53 -29.48
N ASP B 25 3.50 18.43 -28.99
CA ASP B 25 2.28 18.51 -28.18
C ASP B 25 2.62 19.09 -26.81
N GLU B 26 2.00 20.23 -26.46
CA GLU B 26 2.38 20.97 -25.26
C GLU B 26 1.74 20.45 -23.98
N ARG B 27 0.75 19.57 -24.06
CA ARG B 27 0.16 19.15 -22.79
C ARG B 27 1.05 18.11 -22.11
N PRO B 28 0.97 18.00 -20.77
CA PRO B 28 1.74 16.98 -20.05
C PRO B 28 1.38 15.56 -20.46
N GLY B 33 -0.21 13.72 -24.34
CA GLY B 33 0.68 14.87 -24.19
C GLY B 33 2.15 14.51 -24.17
N ASN B 34 2.99 15.41 -24.72
CA ASN B 34 4.43 15.15 -24.82
C ASN B 34 5.30 16.09 -23.99
N LYS B 35 4.71 16.98 -23.19
CA LYS B 35 5.48 17.98 -22.47
C LYS B 35 6.03 17.41 -21.17
N MET B 36 7.34 17.50 -21.00
CA MET B 36 7.97 16.94 -19.83
C MET B 36 8.45 18.00 -18.85
N GLY B 37 8.54 19.24 -19.30
CA GLY B 37 9.11 20.31 -18.51
C GLY B 37 9.42 21.48 -19.41
N GLU B 38 9.88 22.57 -18.80
CA GLU B 38 10.16 23.78 -19.58
C GLU B 38 10.92 24.79 -18.73
N GLY B 39 11.34 25.85 -19.41
CA GLY B 39 11.88 27.02 -18.75
C GLY B 39 12.12 28.11 -19.77
N GLY B 40 12.81 29.17 -19.32
CA GLY B 40 13.19 30.23 -20.24
C GLY B 40 14.11 29.75 -21.34
N PHE B 41 14.76 28.60 -21.14
CA PHE B 41 15.65 28.02 -22.14
C PHE B 41 14.87 27.46 -23.33
N GLY B 42 13.64 27.02 -23.09
CA GLY B 42 12.86 26.29 -24.08
C GLY B 42 11.99 25.27 -23.39
N VAL B 43 11.50 24.31 -24.18
CA VAL B 43 10.62 23.26 -23.69
C VAL B 43 11.22 21.92 -24.06
N VAL B 44 11.07 20.93 -23.18
CA VAL B 44 11.56 19.57 -23.41
C VAL B 44 10.37 18.67 -23.67
N TYR B 45 10.38 17.99 -24.82
CA TYR B 45 9.29 17.13 -25.25
C TYR B 45 9.73 15.68 -25.25
N LYS B 46 8.75 14.79 -25.10
CA LYS B 46 8.99 13.36 -25.25
C LYS B 46 8.79 13.00 -26.71
N GLY B 47 9.73 12.23 -27.26
CA GLY B 47 9.64 11.80 -28.64
C GLY B 47 9.97 10.32 -28.75
N TYR B 48 9.54 9.73 -29.87
CA TYR B 48 9.78 8.32 -30.16
C TYR B 48 10.41 8.22 -31.54
N VAL B 49 11.64 7.75 -31.60
CA VAL B 49 12.39 7.61 -32.84
C VAL B 49 12.79 6.15 -32.96
N ASN B 50 12.22 5.44 -33.93
CA ASN B 50 12.56 4.03 -34.17
C ASN B 50 12.33 3.20 -32.90
N ASN B 51 11.13 3.33 -32.32
CA ASN B 51 10.75 2.66 -31.07
C ASN B 51 11.71 2.96 -29.93
N THR B 52 12.38 4.11 -29.97
CA THR B 52 13.30 4.54 -28.91
C THR B 52 12.83 5.87 -28.35
N THR B 53 12.66 5.95 -27.04
CA THR B 53 12.23 7.19 -26.40
C THR B 53 13.38 8.18 -26.27
N VAL B 54 13.13 9.43 -26.66
CA VAL B 54 14.13 10.49 -26.64
C VAL B 54 13.52 11.74 -26.02
N ALA B 55 14.39 12.62 -25.54
CA ALA B 55 14.00 13.94 -25.10
C ALA B 55 14.41 14.94 -26.17
N VAL B 56 13.50 15.83 -26.54
CA VAL B 56 13.74 16.82 -27.58
C VAL B 56 13.56 18.19 -26.94
N LYS B 57 14.62 18.96 -26.88
CA LYS B 57 14.57 20.30 -26.31
C LYS B 57 14.46 21.27 -27.48
N LYS B 58 13.36 22.02 -27.53
CA LYS B 58 13.16 23.06 -28.53
C LYS B 58 13.49 24.40 -27.87
N LEU B 59 14.55 25.05 -28.36
CA LEU B 59 15.03 26.27 -27.72
C LEU B 59 14.11 27.44 -28.06
N ALA B 60 13.86 28.29 -27.07
CA ALA B 60 13.04 29.47 -27.26
C ALA B 60 13.74 30.70 -26.70
N ALA B 61 13.49 31.85 -27.31
CA ALA B 61 14.10 33.12 -26.89
C ALA B 61 13.13 33.92 -26.01
N ASP B 64 14.70 37.83 -23.11
CA ASP B 64 15.81 38.66 -22.64
C ASP B 64 17.08 38.38 -23.44
N ILE B 65 17.01 37.35 -24.29
CA ILE B 65 18.15 36.84 -25.05
C ILE B 65 17.94 37.14 -26.52
N THR B 66 19.02 37.45 -27.23
CA THR B 66 18.95 37.68 -28.67
C THR B 66 19.04 36.36 -29.44
N THR B 67 18.80 36.46 -30.75
CA THR B 67 18.80 35.27 -31.60
C THR B 67 20.20 34.68 -31.73
N GLU B 68 21.21 35.53 -31.94
CA GLU B 68 22.56 35.00 -32.07
C GLU B 68 23.09 34.47 -30.73
N GLU B 69 22.62 35.04 -29.62
CA GLU B 69 23.01 34.51 -28.31
C GLU B 69 22.42 33.13 -28.10
N LEU B 70 21.16 32.93 -28.49
CA LEU B 70 20.55 31.60 -28.41
C LEU B 70 21.27 30.62 -29.32
N LYS B 71 21.71 31.06 -30.50
CA LYS B 71 22.49 30.17 -31.35
C LYS B 71 23.84 29.85 -30.71
N GLN B 72 24.46 30.85 -30.08
CA GLN B 72 25.69 30.63 -29.34
C GLN B 72 25.52 29.55 -28.28
N GLN B 73 24.36 29.54 -27.62
CA GLN B 73 24.13 28.58 -26.55
C GLN B 73 23.89 27.19 -27.11
N PHE B 74 23.14 27.12 -28.22
CA PHE B 74 22.96 25.89 -28.98
C PHE B 74 24.30 25.32 -29.41
N ASP B 75 25.13 26.14 -30.07
CA ASP B 75 26.44 25.69 -30.52
C ASP B 75 27.29 25.20 -29.35
N GLN B 76 27.22 25.90 -28.21
CA GLN B 76 28.06 25.57 -27.07
C GLN B 76 27.71 24.20 -26.52
N GLU B 77 26.41 23.90 -26.43
CA GLU B 77 26.00 22.59 -25.92
C GLU B 77 26.55 21.47 -26.79
N ILE B 78 26.50 21.63 -28.11
CA ILE B 78 27.02 20.59 -29.00
C ILE B 78 28.53 20.45 -28.83
N LYS B 79 29.25 21.58 -28.73
CA LYS B 79 30.70 21.55 -28.59
C LYS B 79 31.12 20.85 -27.30
N VAL B 80 30.41 21.13 -26.20
CA VAL B 80 30.73 20.51 -24.93
C VAL B 80 30.37 19.02 -24.95
N MET B 81 29.20 18.69 -25.49
CA MET B 81 28.78 17.29 -25.52
C MET B 81 29.67 16.46 -26.44
N ALA B 82 30.22 17.07 -27.49
CA ALA B 82 31.11 16.32 -28.37
C ALA B 82 32.39 15.91 -27.65
N LYS B 83 32.85 16.72 -26.70
CA LYS B 83 34.13 16.47 -26.05
C LYS B 83 34.02 15.75 -24.71
N CYS B 84 32.85 15.80 -24.06
CA CYS B 84 32.66 15.29 -22.70
C CYS B 84 31.63 14.18 -22.74
N GLN B 85 32.08 12.94 -22.71
CA GLN B 85 31.23 11.78 -22.48
C GLN B 85 31.63 11.17 -21.15
N HIS B 86 30.64 10.88 -20.31
CA HIS B 86 30.94 10.42 -18.96
C HIS B 86 29.67 9.84 -18.38
N GLU B 87 29.85 8.93 -17.42
CA GLU B 87 28.74 8.23 -16.78
C GLU B 87 27.73 9.20 -16.15
N ASN B 88 28.18 10.36 -15.68
CA ASN B 88 27.34 11.28 -14.92
C ASN B 88 27.03 12.56 -15.70
N LEU B 89 27.10 12.49 -17.03
CA LEU B 89 26.64 13.54 -17.94
C LEU B 89 25.59 12.95 -18.87
N VAL B 90 24.59 13.75 -19.24
CA VAL B 90 23.55 13.30 -20.16
C VAL B 90 24.17 13.03 -21.53
N GLU B 91 23.45 12.33 -22.39
CA GLU B 91 23.95 11.87 -23.68
C GLU B 91 23.17 12.56 -24.80
N LEU B 92 23.86 13.34 -25.63
CA LEU B 92 23.25 13.95 -26.79
C LEU B 92 23.24 12.96 -27.97
N LEU B 93 22.11 12.87 -28.65
CA LEU B 93 21.96 11.98 -29.81
C LEU B 93 22.02 12.71 -31.13
N GLY B 94 21.43 13.88 -31.20
CA GLY B 94 21.45 14.64 -32.43
C GLY B 94 20.84 16.00 -32.20
N PHE B 95 20.61 16.70 -33.30
CA PHE B 95 20.18 18.09 -33.25
C PHE B 95 19.46 18.41 -34.54
N SER B 96 18.82 19.58 -34.57
N SER B 96 18.83 19.59 -34.56
CA SER B 96 18.25 20.13 -35.79
CA SER B 96 18.25 20.14 -35.77
C SER B 96 18.45 21.64 -35.78
C SER B 96 18.47 21.64 -35.77
N SER B 97 18.99 22.17 -36.88
CA SER B 97 19.27 23.60 -36.99
C SER B 97 18.61 24.25 -38.19
N ASP B 98 17.68 23.57 -38.85
CA ASP B 98 17.00 24.11 -40.01
C ASP B 98 15.58 24.54 -39.65
N GLY B 99 15.19 25.71 -40.14
CA GLY B 99 13.82 26.18 -39.98
C GLY B 99 13.59 27.08 -38.79
N ASP B 100 14.36 28.17 -38.70
CA ASP B 100 14.24 29.19 -37.66
C ASP B 100 14.06 28.62 -36.25
N ASP B 101 14.45 27.36 -36.06
CA ASP B 101 14.26 26.67 -34.80
C ASP B 101 15.49 25.83 -34.51
N LEU B 102 15.81 25.70 -33.23
CA LEU B 102 16.98 24.97 -32.78
C LEU B 102 16.51 23.88 -31.82
N CYS B 103 16.87 22.63 -32.12
CA CYS B 103 16.45 21.48 -31.34
C CYS B 103 17.65 20.62 -30.98
N LEU B 104 17.59 20.02 -29.80
CA LEU B 104 18.61 19.12 -29.30
C LEU B 104 17.92 17.82 -28.90
N VAL B 105 18.47 16.68 -29.33
CA VAL B 105 17.86 15.38 -29.06
C VAL B 105 18.78 14.57 -28.17
N TYR B 106 18.26 14.09 -27.05
CA TYR B 106 18.99 13.36 -26.02
C TYR B 106 18.37 11.99 -25.74
N VAL B 107 19.19 11.13 -25.13
CA VAL B 107 18.66 9.92 -24.52
C VAL B 107 17.69 10.32 -23.42
N TYR B 108 16.49 9.73 -23.47
CA TYR B 108 15.44 10.02 -22.50
C TYR B 108 15.81 9.52 -21.11
N MET B 109 15.55 10.36 -20.11
CA MET B 109 15.76 10.06 -18.71
C MET B 109 14.46 9.59 -18.06
N PRO B 110 14.33 8.30 -17.75
CA PRO B 110 13.05 7.77 -17.23
C PRO B 110 12.59 8.37 -15.92
N ASN B 111 13.49 8.92 -15.11
CA ASN B 111 13.12 9.44 -13.80
C ASN B 111 13.30 10.95 -13.70
N GLY B 112 13.43 11.64 -14.84
CA GLY B 112 13.32 13.09 -14.88
C GLY B 112 14.38 13.79 -14.06
N SER B 113 13.99 14.91 -13.42
CA SER B 113 14.93 15.76 -12.72
C SER B 113 14.97 15.45 -11.22
N LEU B 114 16.15 15.63 -10.63
CA LEU B 114 16.29 15.51 -9.18
C LEU B 114 15.31 16.45 -8.46
N LEU B 115 15.10 17.65 -9.00
CA LEU B 115 14.21 18.61 -8.35
C LEU B 115 12.79 18.06 -8.27
N ASP B 116 12.32 17.47 -9.36
CA ASP B 116 10.97 16.92 -9.34
C ASP B 116 10.91 15.65 -8.48
N ARG B 117 11.98 14.85 -8.45
CA ARG B 117 11.88 13.66 -7.61
C ARG B 117 11.95 14.02 -6.12
N LEU B 118 12.67 15.10 -5.75
CA LEU B 118 12.64 15.55 -4.37
C LEU B 118 11.25 16.06 -3.96
N SER B 119 10.48 16.61 -4.90
CA SER B 119 9.16 17.09 -4.60
C SER B 119 8.07 16.04 -4.83
N CYS B 120 8.46 14.84 -5.29
CA CYS B 120 7.52 13.75 -5.62
C CYS B 120 6.47 14.19 -6.63
N LEU B 121 6.87 15.09 -7.53
CA LEU B 121 5.99 15.55 -8.61
C LEU B 121 5.38 14.36 -9.35
N ASP B 122 4.07 14.45 -9.61
CA ASP B 122 3.31 13.41 -10.32
C ASP B 122 3.15 12.12 -9.51
N GLY B 123 3.43 12.17 -8.22
CA GLY B 123 3.19 11.03 -7.35
C GLY B 123 4.28 9.99 -7.32
N THR B 124 5.51 10.33 -7.70
CA THR B 124 6.60 9.37 -7.64
C THR B 124 7.02 9.19 -6.18
N PRO B 125 7.50 8.01 -5.80
CA PRO B 125 7.80 7.75 -4.39
C PRO B 125 9.05 8.50 -3.94
N PRO B 126 9.14 8.89 -2.65
CA PRO B 126 10.31 9.67 -2.19
C PRO B 126 11.60 8.89 -2.37
N LEU B 127 12.69 9.63 -2.64
CA LEU B 127 14.01 9.01 -2.73
C LEU B 127 14.54 8.68 -1.34
N SER B 128 15.12 7.48 -1.19
CA SER B 128 15.73 7.15 0.08
C SER B 128 17.06 7.89 0.30
N TRP B 129 17.54 7.87 1.55
CA TRP B 129 18.84 8.48 1.85
C TRP B 129 19.93 7.75 1.07
N HIS B 130 19.81 6.43 0.98
CA HIS B 130 20.79 5.67 0.22
C HIS B 130 20.83 6.13 -1.24
N MET B 131 19.67 6.30 -1.88
CA MET B 131 19.74 6.78 -3.27
C MET B 131 20.23 8.21 -3.35
N ARG B 132 19.90 9.03 -2.36
CA ARG B 132 20.38 10.41 -2.37
C ARG B 132 21.90 10.49 -2.25
N CYS B 133 22.51 9.64 -1.43
CA CYS B 133 23.96 9.64 -1.34
C CYS B 133 24.60 9.27 -2.68
N LYS B 134 24.01 8.29 -3.40
CA LYS B 134 24.57 7.91 -4.70
C LYS B 134 24.42 9.05 -5.70
N ILE B 135 23.27 9.73 -5.66
CA ILE B 135 23.04 10.87 -6.55
C ILE B 135 24.02 12.00 -6.27
N ALA B 136 24.25 12.31 -4.99
CA ALA B 136 25.22 13.37 -4.66
C ALA B 136 26.60 13.00 -5.15
N GLN B 137 27.01 11.74 -4.96
CA GLN B 137 28.33 11.33 -5.42
C GLN B 137 28.44 11.40 -6.94
N GLY B 138 27.42 10.92 -7.65
CA GLY B 138 27.47 10.94 -9.10
C GLY B 138 27.48 12.34 -9.65
N ALA B 139 26.67 13.24 -9.06
CA ALA B 139 26.68 14.62 -9.50
C ALA B 139 28.06 15.26 -9.31
N ALA B 140 28.69 14.99 -8.16
CA ALA B 140 30.06 15.46 -7.94
C ALA B 140 31.03 14.89 -8.98
N ASN B 141 30.94 13.59 -9.28
CA ASN B 141 31.78 12.99 -10.31
C ASN B 141 31.58 13.66 -11.66
N GLY B 142 30.33 14.04 -11.98
CA GLY B 142 30.07 14.73 -13.23
C GLY B 142 30.66 16.12 -13.28
N ILE B 143 30.49 16.88 -12.18
CA ILE B 143 31.13 18.20 -12.13
C ILE B 143 32.64 18.06 -12.21
N ASN B 144 33.19 17.05 -11.52
CA ASN B 144 34.64 16.84 -11.58
C ASN B 144 35.09 16.63 -13.02
N PHE B 145 34.34 15.82 -13.77
CA PHE B 145 34.74 15.55 -15.15
C PHE B 145 34.72 16.83 -15.98
N LEU B 146 33.71 17.68 -15.78
CA LEU B 146 33.63 18.94 -16.50
C LEU B 146 34.79 19.85 -16.13
N HIS B 147 35.14 19.92 -14.85
CA HIS B 147 36.22 20.82 -14.46
C HIS B 147 37.57 20.30 -14.90
N GLU B 148 37.76 18.98 -14.88
CA GLU B 148 38.98 18.38 -15.44
C GLU B 148 39.15 18.74 -16.90
N ASN B 149 38.03 18.84 -17.63
CA ASN B 149 38.05 19.23 -19.02
C ASN B 149 37.95 20.73 -19.22
N HIS B 150 38.14 21.51 -18.16
CA HIS B 150 38.25 22.99 -18.24
C HIS B 150 36.95 23.63 -18.71
N HIS B 151 35.81 23.14 -18.21
CA HIS B 151 34.52 23.77 -18.45
C HIS B 151 33.91 24.20 -17.13
N ILE B 152 33.35 25.41 -17.12
CA ILE B 152 32.50 25.87 -16.02
C ILE B 152 31.05 25.70 -16.46
N HIS B 153 30.25 25.04 -15.62
CA HIS B 153 28.86 24.78 -16.02
C HIS B 153 28.02 26.06 -15.99
N ARG B 154 28.11 26.83 -14.90
CA ARG B 154 27.45 28.10 -14.63
C ARG B 154 25.95 28.00 -14.30
N ASP B 155 25.34 26.82 -14.34
CA ASP B 155 23.91 26.68 -14.03
C ASP B 155 23.63 25.39 -13.27
N ILE B 156 24.47 25.05 -12.30
CA ILE B 156 24.24 23.86 -11.49
C ILE B 156 23.02 24.09 -10.59
N LYS B 157 22.08 23.15 -10.64
CA LYS B 157 20.87 23.20 -9.83
C LYS B 157 20.16 21.87 -10.01
N SER B 158 19.24 21.56 -9.11
CA SER B 158 18.67 20.22 -9.12
C SER B 158 17.78 20.00 -10.34
N ALA B 159 17.26 21.06 -10.97
CA ALA B 159 16.49 20.84 -12.20
C ALA B 159 17.38 20.40 -13.36
N ASN B 160 18.69 20.64 -13.29
CA ASN B 160 19.65 20.25 -14.32
C ASN B 160 20.41 18.99 -13.95
N ILE B 161 19.98 18.27 -12.93
CA ILE B 161 20.54 16.98 -12.57
C ILE B 161 19.42 15.98 -12.83
N LEU B 162 19.59 15.18 -13.87
CA LEU B 162 18.59 14.22 -14.30
C LEU B 162 18.95 12.82 -13.82
N LEU B 163 17.97 11.91 -13.89
CA LEU B 163 18.07 10.60 -13.24
C LEU B 163 17.65 9.52 -14.22
N ASP B 164 18.53 8.53 -14.45
CA ASP B 164 18.26 7.49 -15.44
C ASP B 164 17.52 6.29 -14.81
N GLU B 165 17.53 5.15 -15.50
CA GLU B 165 16.77 3.97 -15.09
C GLU B 165 17.33 3.32 -13.83
N ALA B 166 18.52 3.71 -13.36
CA ALA B 166 19.06 3.24 -12.09
C ALA B 166 19.20 4.38 -11.08
N PHE B 167 18.56 5.51 -11.35
CA PHE B 167 18.68 6.70 -10.52
C PHE B 167 20.14 7.16 -10.42
N THR B 168 20.87 6.96 -11.52
CA THR B 168 22.19 7.56 -11.67
C THR B 168 22.04 9.02 -12.07
N ALA B 169 22.79 9.89 -11.40
CA ALA B 169 22.73 11.32 -11.67
C ALA B 169 23.41 11.66 -12.99
N LYS B 170 22.77 12.48 -13.81
CA LYS B 170 23.32 12.91 -15.09
C LYS B 170 23.19 14.43 -15.21
N ILE B 171 24.32 15.15 -15.19
CA ILE B 171 24.29 16.61 -15.36
C ILE B 171 23.80 16.95 -16.76
N SER B 172 22.94 17.97 -16.86
CA SER B 172 22.43 18.39 -18.17
C SER B 172 22.57 19.91 -18.32
N ASP B 173 22.29 20.39 -19.54
CA ASP B 173 22.19 21.82 -19.85
C ASP B 173 23.53 22.55 -19.84
N PHE B 174 24.28 22.46 -20.95
CA PHE B 174 25.60 23.06 -21.04
C PHE B 174 25.63 24.30 -21.93
N GLY B 175 24.45 24.89 -22.20
CA GLY B 175 24.41 26.03 -23.09
C GLY B 175 25.10 27.27 -22.55
N LEU B 176 25.25 27.36 -21.23
CA LEU B 176 25.91 28.51 -20.61
C LEU B 176 27.37 28.23 -20.26
N ALA B 177 27.87 27.04 -20.60
CA ALA B 177 29.20 26.64 -20.18
C ALA B 177 30.28 27.57 -20.74
N ARG B 178 31.35 27.72 -19.98
CA ARG B 178 32.46 28.58 -20.38
C ARG B 178 33.78 27.88 -20.08
N ALA B 179 34.83 28.30 -20.81
CA ALA B 179 36.15 27.75 -20.59
C ALA B 179 36.76 28.29 -19.31
N SER B 180 37.53 27.45 -18.63
CA SER B 180 38.33 27.87 -17.50
C SER B 180 39.81 27.80 -17.85
N GLU B 181 40.62 28.61 -17.16
CA GLU B 181 42.06 28.61 -17.36
C GLU B 181 42.80 28.75 -16.04
N VAL B 187 37.97 36.35 -14.39
CA VAL B 187 37.23 36.64 -15.61
C VAL B 187 35.84 37.23 -15.29
N MET B 188 35.46 38.29 -16.00
CA MET B 188 34.18 38.97 -15.80
C MET B 188 33.29 39.02 -17.03
N ARG B 191 26.99 40.13 -18.86
CA ARG B 191 25.71 39.43 -18.92
C ARG B 191 25.60 38.40 -17.80
N ILE B 192 24.96 38.77 -16.70
CA ILE B 192 24.89 37.90 -15.53
C ILE B 192 23.80 36.87 -15.75
N VAL B 193 24.16 35.59 -15.71
CA VAL B 193 23.25 34.48 -15.97
C VAL B 193 23.27 33.50 -14.81
N GLY B 194 22.23 32.67 -14.76
CA GLY B 194 22.07 31.68 -13.71
C GLY B 194 20.75 31.83 -13.00
N THR B 195 20.58 31.00 -11.96
CA THR B 195 19.38 31.00 -11.11
C THR B 195 19.77 31.54 -9.73
N THR B 196 19.22 32.72 -9.38
CA THR B 196 19.64 33.47 -8.20
C THR B 196 19.82 32.61 -6.96
N ALA B 197 18.83 31.75 -6.67
CA ALA B 197 18.83 30.99 -5.41
C ALA B 197 19.98 30.00 -5.30
N TYR B 198 20.67 29.69 -6.40
CA TYR B 198 21.80 28.78 -6.40
C TYR B 198 23.15 29.49 -6.52
N MET B 199 23.14 30.79 -6.76
CA MET B 199 24.32 31.46 -7.27
C MET B 199 25.22 31.98 -6.15
N ALA B 200 26.52 31.77 -6.34
CA ALA B 200 27.54 32.38 -5.49
C ALA B 200 27.53 33.89 -5.58
N PRO B 201 27.96 34.58 -4.51
CA PRO B 201 28.00 36.06 -4.59
C PRO B 201 28.86 36.59 -5.72
N GLU B 202 30.02 35.99 -5.98
CA GLU B 202 30.86 36.53 -7.05
C GLU B 202 30.23 36.30 -8.43
N ALA B 203 29.51 35.18 -8.62
CA ALA B 203 28.76 34.99 -9.85
C ALA B 203 27.67 36.04 -9.99
N LEU B 204 27.01 36.38 -8.88
CA LEU B 204 26.02 37.44 -8.92
C LEU B 204 26.63 38.81 -9.20
N ARG B 205 27.93 39.00 -8.95
CA ARG B 205 28.58 40.26 -9.34
C ARG B 205 29.20 40.21 -10.72
N GLY B 206 29.04 39.10 -11.45
CA GLY B 206 29.54 39.02 -12.81
C GLY B 206 30.83 38.24 -13.01
N GLU B 207 31.37 37.61 -11.97
CA GLU B 207 32.57 36.85 -12.17
C GLU B 207 32.24 35.50 -12.78
N ILE B 208 33.19 34.96 -13.52
CA ILE B 208 33.07 33.64 -14.14
C ILE B 208 34.23 32.82 -13.62
N THR B 209 33.93 31.78 -12.83
CA THR B 209 34.95 30.95 -12.18
C THR B 209 34.38 29.59 -11.81
N PRO B 210 35.16 28.52 -11.93
CA PRO B 210 34.68 27.20 -11.49
C PRO B 210 34.34 27.17 -10.02
N LYS B 211 34.91 28.09 -9.22
CA LYS B 211 34.55 28.12 -7.81
C LYS B 211 33.07 28.38 -7.60
N SER B 212 32.41 28.98 -8.59
CA SER B 212 30.97 29.23 -8.45
C SER B 212 30.16 27.95 -8.58
N ASP B 213 30.59 27.02 -9.45
CA ASP B 213 29.90 25.74 -9.56
C ASP B 213 29.89 25.00 -8.23
N ILE B 214 30.96 25.16 -7.46
CA ILE B 214 31.06 24.49 -6.17
C ILE B 214 30.02 25.06 -5.20
N TYR B 215 29.84 26.38 -5.21
CA TYR B 215 28.81 26.98 -4.37
C TYR B 215 27.43 26.44 -4.73
N SER B 216 27.08 26.43 -6.02
CA SER B 216 25.76 25.97 -6.40
C SER B 216 25.57 24.50 -6.04
N PHE B 217 26.65 23.72 -6.10
CA PHE B 217 26.54 22.32 -5.70
C PHE B 217 26.23 22.20 -4.21
N GLY B 218 26.81 23.10 -3.39
CA GLY B 218 26.46 23.12 -1.97
C GLY B 218 24.97 23.33 -1.74
N VAL B 219 24.36 24.24 -2.52
CA VAL B 219 22.92 24.43 -2.44
C VAL B 219 22.19 23.13 -2.78
N VAL B 220 22.59 22.49 -3.88
CA VAL B 220 21.99 21.21 -4.27
C VAL B 220 22.07 20.21 -3.12
N LEU B 221 23.21 20.16 -2.42
CA LEU B 221 23.33 19.23 -1.30
C LEU B 221 22.34 19.55 -0.18
N LEU B 222 22.09 20.84 0.10
CA LEU B 222 21.04 21.19 1.07
C LEU B 222 19.68 20.71 0.58
N GLU B 223 19.42 20.81 -0.72
CA GLU B 223 18.16 20.32 -1.28
C GLU B 223 18.04 18.82 -1.05
N ILE B 224 19.14 18.10 -1.23
CA ILE B 224 19.13 16.64 -1.07
C ILE B 224 18.86 16.26 0.37
N ILE B 225 19.51 16.96 1.31
CA ILE B 225 19.32 16.65 2.72
C ILE B 225 17.90 16.96 3.16
N THR B 226 17.35 18.11 2.72
CA THR B 226 16.10 18.60 3.27
C THR B 226 14.88 18.27 2.43
N GLY B 227 15.04 17.93 1.16
CA GLY B 227 13.91 17.83 0.27
C GLY B 227 13.23 19.14 -0.04
N LEU B 228 13.81 20.27 0.36
CA LEU B 228 13.21 21.58 0.12
C LEU B 228 13.81 22.21 -1.13
N PRO B 229 13.04 22.92 -1.96
CA PRO B 229 13.63 23.64 -3.08
C PRO B 229 14.48 24.82 -2.60
N ALA B 230 15.46 25.18 -3.43
CA ALA B 230 16.38 26.26 -3.07
C ALA B 230 15.65 27.57 -2.83
N VAL B 231 14.57 27.85 -3.58
CA VAL B 231 13.71 29.00 -3.30
C VAL B 231 12.26 28.54 -3.26
N ASP B 232 11.49 29.15 -2.37
CA ASP B 232 10.06 28.93 -2.26
C ASP B 232 9.48 30.23 -1.74
N GLU B 233 8.76 30.94 -2.60
CA GLU B 233 8.22 32.25 -2.27
C GLU B 233 7.21 32.19 -1.14
N HIS B 234 6.66 31.01 -0.83
CA HIS B 234 5.67 30.85 0.23
C HIS B 234 6.23 30.12 1.44
N ARG B 235 7.53 30.21 1.64
CA ARG B 235 8.23 29.62 2.78
C ARG B 235 9.00 30.72 3.52
N GLU B 236 9.16 30.52 4.83
CA GLU B 236 10.06 31.31 5.66
C GLU B 236 11.12 30.37 6.20
N PRO B 237 12.40 30.57 5.87
CA PRO B 237 12.93 31.59 4.96
C PRO B 237 12.63 31.22 3.51
N GLN B 238 12.56 32.22 2.62
CA GLN B 238 12.32 31.95 1.20
C GLN B 238 13.50 31.21 0.58
N LEU B 239 14.73 31.56 0.98
CA LEU B 239 15.95 31.00 0.40
C LEU B 239 16.50 29.89 1.29
N LEU B 240 16.71 28.71 0.70
CA LEU B 240 17.24 27.56 1.46
C LEU B 240 18.61 27.86 2.06
N LEU B 241 19.48 28.55 1.32
CA LEU B 241 20.79 28.81 1.88
C LEU B 241 20.77 29.64 3.15
N ASP B 242 19.63 30.27 3.50
CA ASP B 242 19.49 30.95 4.77
C ASP B 242 19.42 30.00 5.97
N ILE B 243 19.19 28.70 5.76
CA ILE B 243 19.17 27.78 6.90
C ILE B 243 20.58 27.53 7.42
N LYS B 244 21.59 27.61 6.55
CA LYS B 244 22.98 27.53 7.01
C LYS B 244 23.27 28.61 8.05
N GLU B 245 22.77 29.82 7.82
CA GLU B 245 22.93 30.89 8.80
C GLU B 245 22.27 30.50 10.12
N GLU B 246 21.06 29.95 10.06
CA GLU B 246 20.38 29.56 11.28
C GLU B 246 21.15 28.49 12.04
N ILE B 247 21.72 27.52 11.31
CA ILE B 247 22.47 26.44 11.95
C ILE B 247 23.78 26.97 12.55
N GLU B 248 24.49 27.81 11.79
CA GLU B 248 25.81 28.26 12.23
C GLU B 248 25.73 29.09 13.50
N ASP B 249 24.65 29.84 13.68
CA ASP B 249 24.46 30.59 14.91
C ASP B 249 23.81 29.76 16.00
N GLU B 250 23.75 28.45 15.83
CA GLU B 250 23.31 27.49 16.85
C GLU B 250 21.88 27.72 17.31
N GLU B 251 21.03 28.29 16.46
CA GLU B 251 19.60 28.15 16.69
C GLU B 251 19.13 26.76 16.30
N LYS B 252 19.44 26.34 15.08
CA LYS B 252 19.00 25.08 14.53
C LYS B 252 20.17 24.10 14.44
N THR B 253 19.82 22.84 14.18
CA THR B 253 20.78 21.83 13.76
C THR B 253 20.32 21.29 12.41
N ILE B 254 21.26 20.70 11.67
CA ILE B 254 20.85 20.09 10.40
C ILE B 254 19.77 19.03 10.65
N GLU B 255 19.80 18.38 11.82
CA GLU B 255 18.81 17.34 12.08
C GLU B 255 17.39 17.89 12.08
N ASP B 256 17.20 19.13 12.52
CA ASP B 256 15.88 19.74 12.47
C ASP B 256 15.34 19.83 11.05
N TYR B 257 16.20 19.82 10.04
CA TYR B 257 15.77 20.04 8.66
C TYR B 257 15.82 18.81 7.79
N ILE B 258 16.24 17.65 8.32
CA ILE B 258 16.32 16.42 7.52
C ILE B 258 14.94 16.11 6.95
N ASP B 259 14.91 15.76 5.66
CA ASP B 259 13.67 15.44 4.98
C ASP B 259 12.95 14.32 5.71
N LYS B 260 11.72 14.60 6.13
CA LYS B 260 10.96 13.56 6.83
C LYS B 260 10.42 12.49 5.89
N LYS B 261 10.51 12.67 4.58
CA LYS B 261 10.07 11.63 3.65
C LYS B 261 11.11 10.52 3.45
N MET B 262 12.14 10.46 4.28
CA MET B 262 13.11 9.37 4.29
C MET B 262 12.91 8.55 5.55
N ASN B 263 13.25 7.25 5.50
CA ASN B 263 13.25 6.47 6.73
C ASN B 263 14.63 5.91 7.09
N ASP B 264 15.66 6.18 6.29
CA ASP B 264 16.97 5.56 6.45
C ASP B 264 18.10 6.55 6.65
N ALA B 265 17.79 7.84 6.81
CA ALA B 265 18.84 8.80 7.10
C ALA B 265 19.33 8.56 8.53
N ASP B 266 20.63 8.65 8.73
CA ASP B 266 21.19 8.61 10.08
C ASP B 266 21.98 9.88 10.31
N SER B 267 22.04 10.31 11.56
CA SER B 267 22.57 11.65 11.83
C SER B 267 24.04 11.77 11.42
N THR B 268 24.82 10.70 11.58
CA THR B 268 26.25 10.78 11.29
C THR B 268 26.50 11.05 9.82
N SER B 269 25.86 10.27 8.94
CA SER B 269 26.08 10.49 7.51
C SER B 269 25.45 11.81 7.05
N VAL B 270 24.31 12.21 7.62
CA VAL B 270 23.72 13.49 7.22
C VAL B 270 24.63 14.62 7.62
N GLU B 271 25.19 14.57 8.84
CA GLU B 271 26.11 15.61 9.28
C GLU B 271 27.35 15.67 8.39
N ALA B 272 27.77 14.53 7.85
CA ALA B 272 28.93 14.49 6.95
C ALA B 272 28.63 15.18 5.62
N MET B 273 27.46 14.91 5.02
CA MET B 273 27.04 15.64 3.84
C MET B 273 26.95 17.12 4.14
N TYR B 274 26.27 17.47 5.23
CA TYR B 274 26.11 18.87 5.58
C TYR B 274 27.46 19.56 5.72
N SER B 275 28.45 18.85 6.27
CA SER B 275 29.77 19.42 6.42
C SER B 275 30.41 19.72 5.07
N VAL B 276 30.16 18.87 4.07
CA VAL B 276 30.59 19.17 2.70
C VAL B 276 29.87 20.39 2.18
N ALA B 277 28.54 20.41 2.29
CA ALA B 277 27.75 21.53 1.79
C ALA B 277 28.20 22.84 2.42
N SER B 278 28.45 22.82 3.73
CA SER B 278 28.84 24.03 4.43
C SER B 278 30.18 24.56 3.90
N GLN B 279 31.11 23.67 3.56
CA GLN B 279 32.37 24.11 2.96
C GLN B 279 32.16 24.67 1.57
N CYS B 280 31.30 24.01 0.77
CA CYS B 280 30.96 24.54 -0.56
C CYS B 280 30.35 25.93 -0.48
N LEU B 281 29.62 26.21 0.58
CA LEU B 281 28.85 27.43 0.69
C LEU B 281 29.63 28.56 1.37
N HIS B 282 30.96 28.45 1.48
CA HIS B 282 31.73 29.62 1.89
C HIS B 282 31.40 30.80 0.98
N GLU B 283 31.07 31.94 1.57
CA GLU B 283 30.72 33.07 0.71
C GLU B 283 31.96 33.61 0.00
N LYS B 284 33.15 33.44 0.60
CA LYS B 284 34.42 33.78 -0.04
C LYS B 284 34.89 32.63 -0.92
N LYS B 285 35.08 32.89 -2.21
CA LYS B 285 35.29 31.81 -3.16
C LYS B 285 36.58 31.04 -2.90
N ASN B 286 37.64 31.72 -2.44
CA ASN B 286 38.92 31.04 -2.23
C ASN B 286 38.93 30.17 -0.98
N LYS B 287 37.90 30.24 -0.14
CA LYS B 287 37.80 29.33 0.99
C LYS B 287 37.09 28.03 0.67
N ARG B 288 36.46 27.92 -0.50
CA ARG B 288 35.72 26.70 -0.83
C ARG B 288 36.68 25.59 -1.27
N PRO B 289 36.28 24.33 -1.05
CA PRO B 289 37.05 23.23 -1.64
C PRO B 289 36.90 23.21 -3.14
N ASP B 290 37.87 22.59 -3.81
CA ASP B 290 37.67 22.32 -5.23
C ASP B 290 36.89 21.01 -5.41
N ILE B 291 36.54 20.71 -6.67
CA ILE B 291 35.60 19.60 -6.88
C ILE B 291 36.25 18.26 -6.52
N LYS B 292 37.55 18.13 -6.73
CA LYS B 292 38.22 16.89 -6.35
C LYS B 292 38.10 16.62 -4.86
N LYS B 293 38.23 17.67 -4.03
CA LYS B 293 38.09 17.50 -2.60
C LYS B 293 36.65 17.20 -2.21
N VAL B 294 35.70 17.87 -2.87
CA VAL B 294 34.30 17.54 -2.65
C VAL B 294 34.05 16.07 -2.96
N GLN B 295 34.63 15.60 -4.07
CA GLN B 295 34.51 14.21 -4.47
C GLN B 295 34.99 13.27 -3.35
N GLN B 296 36.17 13.56 -2.77
CA GLN B 296 36.75 12.66 -1.78
C GLN B 296 35.95 12.66 -0.49
N LEU B 297 35.43 13.83 -0.09
CA LEU B 297 34.64 13.91 1.14
C LEU B 297 33.33 13.16 1.02
N LEU B 298 32.68 13.24 -0.14
CA LEU B 298 31.46 12.46 -0.32
C LEU B 298 31.77 10.97 -0.35
N GLN B 299 32.92 10.60 -0.93
CA GLN B 299 33.27 9.19 -0.96
C GLN B 299 33.58 8.68 0.44
N GLU B 300 34.24 9.50 1.26
CA GLU B 300 34.47 9.12 2.65
C GLU B 300 33.18 9.06 3.45
N MET B 301 32.17 9.85 3.07
CA MET B 301 30.92 9.86 3.80
C MET B 301 30.22 8.50 3.76
N THR B 302 30.44 7.75 2.68
CA THR B 302 29.85 6.41 2.54
C THR B 302 30.86 5.28 2.74
N SER C 5 30.81 1.85 -14.74
CA SER C 5 31.64 1.45 -13.61
C SER C 5 30.90 0.52 -12.64
N ASP C 6 31.59 -0.51 -12.16
CA ASP C 6 30.98 -1.52 -11.32
C ASP C 6 30.69 -0.96 -9.93
N THR C 7 29.70 -1.56 -9.27
CA THR C 7 29.35 -1.17 -7.92
C THR C 7 30.28 -1.84 -6.92
N ARG C 8 30.68 -1.08 -5.89
CA ARG C 8 31.48 -1.59 -4.80
C ARG C 8 30.57 -1.97 -3.63
N PHE C 9 30.87 -3.11 -3.03
CA PHE C 9 30.05 -3.71 -2.00
C PHE C 9 30.84 -3.69 -0.70
N HIS C 10 30.13 -3.64 0.42
CA HIS C 10 30.77 -3.65 1.72
C HIS C 10 30.98 -5.08 2.19
N SER C 11 32.19 -5.39 2.66
CA SER C 11 32.48 -6.71 3.22
C SER C 11 32.19 -6.68 4.71
N PHE C 12 31.12 -7.37 5.13
CA PHE C 12 30.75 -7.48 6.53
C PHE C 12 31.43 -8.69 7.14
N SER C 13 31.69 -8.62 8.44
CA SER C 13 32.01 -9.84 9.16
C SER C 13 30.71 -10.54 9.54
N PHE C 14 30.78 -11.87 9.68
CA PHE C 14 29.60 -12.61 10.13
C PHE C 14 29.09 -12.07 11.46
N TYR C 15 30.01 -11.66 12.32
CA TYR C 15 29.63 -11.19 13.64
C TYR C 15 28.84 -9.89 13.57
N GLU C 16 29.18 -8.99 12.64
CA GLU C 16 28.37 -7.78 12.48
C GLU C 16 26.97 -8.13 12.02
N LEU C 17 26.83 -9.11 11.12
CA LEU C 17 25.50 -9.50 10.66
C LEU C 17 24.71 -10.20 11.75
N LYS C 18 25.37 -10.87 12.71
CA LYS C 18 24.67 -11.34 13.90
C LYS C 18 24.02 -10.17 14.63
N ASN C 19 24.79 -9.12 14.86
CA ASN C 19 24.26 -7.96 15.55
CA ASN C 19 24.26 -7.95 15.55
C ASN C 19 23.05 -7.38 14.80
N VAL C 20 23.18 -7.29 13.47
CA VAL C 20 22.15 -6.73 12.60
C VAL C 20 20.84 -7.51 12.68
N THR C 21 20.92 -8.83 12.85
CA THR C 21 19.73 -9.68 12.72
C THR C 21 19.25 -10.24 14.04
N ASN C 22 19.60 -9.60 15.15
CA ASN C 22 19.39 -10.14 16.49
C ASN C 22 19.78 -11.61 16.55
N ASN C 23 21.01 -11.89 16.12
CA ASN C 23 21.57 -13.25 16.06
C ASN C 23 20.68 -14.18 15.24
N PHE C 24 20.29 -13.71 14.05
CA PHE C 24 19.52 -14.49 13.08
C PHE C 24 18.25 -15.06 13.74
N ASP C 25 17.52 -14.17 14.40
CA ASP C 25 16.28 -14.53 15.10
C ASP C 25 15.29 -15.18 14.15
N GLU C 26 14.90 -16.42 14.46
CA GLU C 26 14.08 -17.22 13.55
C GLU C 26 12.58 -17.02 13.76
N ARG C 27 12.17 -16.23 14.73
CA ARG C 27 10.76 -15.90 14.83
C ARG C 27 10.34 -15.00 13.67
N PRO C 28 9.11 -15.14 13.19
CA PRO C 28 8.68 -14.38 12.01
C PRO C 28 8.63 -12.88 12.29
N ILE C 29 8.92 -12.09 11.25
CA ILE C 29 8.81 -10.64 11.41
C ILE C 29 7.38 -10.25 11.82
N SER C 30 6.39 -11.08 11.46
CA SER C 30 5.00 -10.76 11.76
C SER C 30 4.71 -10.72 13.26
N VAL C 31 5.57 -11.27 14.11
CA VAL C 31 5.41 -11.18 15.55
C VAL C 31 6.61 -10.50 16.19
N GLY C 32 7.35 -9.74 15.40
CA GLY C 32 8.49 -8.98 15.90
C GLY C 32 9.82 -9.68 15.84
N GLY C 33 9.90 -10.85 15.20
CA GLY C 33 11.18 -11.52 14.97
C GLY C 33 11.90 -10.97 13.75
N ASN C 34 12.83 -11.76 13.22
CA ASN C 34 13.62 -11.33 12.07
C ASN C 34 13.45 -12.20 10.82
N LYS C 35 12.75 -13.33 10.90
CA LYS C 35 12.64 -14.21 9.74
C LYS C 35 11.56 -13.72 8.77
N MET C 36 11.95 -13.55 7.50
CA MET C 36 11.11 -13.07 6.39
C MET C 36 10.66 -14.16 5.42
N GLY C 37 11.46 -15.20 5.27
CA GLY C 37 11.08 -16.29 4.38
C GLY C 37 12.25 -17.25 4.27
N GLU C 38 12.00 -18.36 3.58
CA GLU C 38 12.99 -19.41 3.48
C GLU C 38 12.70 -20.31 2.29
N GLY C 39 13.65 -21.18 2.01
CA GLY C 39 13.46 -22.23 1.05
C GLY C 39 14.69 -23.12 1.07
N GLY C 40 14.81 -23.95 0.02
CA GLY C 40 16.03 -24.73 -0.16
C GLY C 40 17.28 -23.87 -0.14
N PHE C 41 17.18 -22.64 -0.65
CA PHE C 41 18.33 -21.74 -0.73
C PHE C 41 18.89 -21.36 0.65
N GLY C 42 18.06 -21.32 1.67
CA GLY C 42 18.45 -20.65 2.91
C GLY C 42 17.33 -19.84 3.51
N VAL C 43 17.67 -18.81 4.27
CA VAL C 43 16.71 -18.05 5.03
C VAL C 43 17.05 -16.57 4.85
N VAL C 44 16.04 -15.73 4.69
CA VAL C 44 16.22 -14.28 4.59
C VAL C 44 15.74 -13.65 5.89
N TYR C 45 16.56 -12.76 6.46
CA TYR C 45 16.28 -12.11 7.72
C TYR C 45 16.21 -10.60 7.51
N LYS C 46 15.39 -9.95 8.33
CA LYS C 46 15.35 -8.49 8.38
C LYS C 46 16.38 -7.99 9.38
N GLY C 47 16.86 -6.77 9.15
CA GLY C 47 17.74 -6.12 10.11
C GLY C 47 17.91 -4.66 9.72
N TYR C 48 18.66 -3.95 10.54
CA TYR C 48 19.07 -2.59 10.24
C TYR C 48 20.58 -2.46 10.28
N VAL C 49 21.15 -1.77 9.28
CA VAL C 49 22.53 -1.32 9.32
C VAL C 49 22.48 0.20 9.48
N ASN C 50 22.93 0.71 10.63
CA ASN C 50 22.59 2.06 11.05
C ASN C 50 21.07 2.21 10.96
N ASN C 51 20.57 3.13 10.15
CA ASN C 51 19.13 3.30 10.05
C ASN C 51 18.55 2.70 8.77
N THR C 52 19.35 1.96 8.01
CA THR C 52 18.96 1.39 6.73
C THR C 52 18.36 0.01 6.97
N THR C 53 17.10 -0.20 6.58
CA THR C 53 16.53 -1.53 6.70
C THR C 53 17.15 -2.43 5.64
N VAL C 54 17.58 -3.63 6.05
CA VAL C 54 18.23 -4.54 5.09
C VAL C 54 17.57 -5.91 5.15
N ALA C 55 17.81 -6.68 4.09
CA ALA C 55 17.49 -8.11 4.04
C ALA C 55 18.81 -8.86 4.02
N VAL C 56 18.98 -9.83 4.92
CA VAL C 56 20.21 -10.61 5.01
C VAL C 56 19.85 -12.04 4.62
N LYS C 57 20.39 -12.50 3.48
CA LYS C 57 20.14 -13.86 2.99
C LYS C 57 21.29 -14.74 3.46
N LYS C 58 20.99 -15.69 4.33
CA LYS C 58 21.97 -16.61 4.87
C LYS C 58 21.84 -17.92 4.10
N LEU C 59 22.87 -18.24 3.31
CA LEU C 59 22.81 -19.39 2.42
C LEU C 59 22.97 -20.69 3.19
N ALA C 60 22.24 -21.72 2.75
CA ALA C 60 22.28 -23.02 3.40
C ALA C 60 22.58 -24.10 2.37
N ALA C 61 23.18 -25.18 2.84
CA ALA C 61 23.48 -26.34 2.00
C ALA C 61 22.22 -27.13 1.62
N ASP C 64 23.12 -32.65 -2.49
CA ASP C 64 22.56 -31.97 -3.64
C ASP C 64 23.61 -31.07 -4.29
N ILE C 65 24.03 -30.04 -3.56
CA ILE C 65 25.02 -29.08 -4.03
C ILE C 65 26.23 -29.14 -3.11
N THR C 66 27.43 -29.19 -3.71
CA THR C 66 28.64 -29.19 -2.92
C THR C 66 28.92 -27.80 -2.37
N THR C 67 29.84 -27.74 -1.41
CA THR C 67 30.26 -26.45 -0.86
C THR C 67 30.90 -25.58 -1.93
N GLU C 68 31.75 -26.17 -2.77
CA GLU C 68 32.30 -25.47 -3.92
C GLU C 68 31.21 -24.88 -4.80
N GLU C 69 30.14 -25.67 -5.05
CA GLU C 69 29.04 -25.19 -5.89
C GLU C 69 28.30 -24.03 -5.24
N LEU C 70 28.00 -24.14 -3.94
CA LEU C 70 27.31 -23.06 -3.25
C LEU C 70 28.15 -21.78 -3.26
N LYS C 71 29.47 -21.92 -3.09
CA LYS C 71 30.34 -20.75 -3.16
C LYS C 71 30.33 -20.13 -4.56
N GLN C 72 30.27 -20.96 -5.61
CA GLN C 72 30.20 -20.41 -6.96
C GLN C 72 28.90 -19.64 -7.16
N GLN C 73 27.79 -20.10 -6.57
CA GLN C 73 26.53 -19.34 -6.66
C GLN C 73 26.62 -18.02 -5.91
N PHE C 74 27.23 -18.04 -4.73
CA PHE C 74 27.49 -16.82 -3.98
C PHE C 74 28.36 -15.86 -4.78
N ASP C 75 29.46 -16.37 -5.35
CA ASP C 75 30.31 -15.53 -6.19
C ASP C 75 29.54 -15.01 -7.40
N GLN C 76 28.70 -15.85 -8.02
CA GLN C 76 28.00 -15.42 -9.23
C GLN C 76 27.03 -14.29 -8.92
N GLU C 77 26.36 -14.37 -7.77
CA GLU C 77 25.43 -13.31 -7.36
C GLU C 77 26.14 -11.97 -7.24
N ILE C 78 27.31 -11.96 -6.63
CA ILE C 78 28.06 -10.71 -6.47
C ILE C 78 28.52 -10.17 -7.82
N LYS C 79 29.01 -11.04 -8.71
CA LYS C 79 29.49 -10.56 -10.00
C LYS C 79 28.36 -10.01 -10.86
N VAL C 80 27.17 -10.61 -10.81
CA VAL C 80 26.05 -10.08 -11.59
C VAL C 80 25.59 -8.73 -11.02
N MET C 81 25.45 -8.65 -9.69
CA MET C 81 25.05 -7.41 -9.03
C MET C 81 26.08 -6.30 -9.22
N ALA C 82 27.36 -6.64 -9.29
CA ALA C 82 28.37 -5.62 -9.54
C ALA C 82 28.18 -4.97 -10.91
N LYS C 83 27.61 -5.70 -11.87
CA LYS C 83 27.53 -5.21 -13.24
C LYS C 83 26.14 -4.75 -13.66
N CYS C 84 25.10 -5.03 -12.88
CA CYS C 84 23.72 -4.81 -13.32
C CYS C 84 23.00 -3.96 -12.28
N GLN C 85 22.80 -2.69 -12.59
CA GLN C 85 22.05 -1.78 -11.74
C GLN C 85 20.88 -1.21 -12.54
N HIS C 86 19.67 -1.35 -11.98
CA HIS C 86 18.45 -0.98 -12.67
C HIS C 86 17.32 -0.98 -11.65
N GLU C 87 16.37 -0.06 -11.83
CA GLU C 87 15.28 0.08 -10.86
C GLU C 87 14.39 -1.16 -10.77
N ASN C 88 14.44 -2.05 -11.75
CA ASN C 88 13.67 -3.29 -11.66
C ASN C 88 14.53 -4.48 -11.29
N LEU C 89 15.68 -4.25 -10.64
CA LEU C 89 16.48 -5.30 -10.03
C LEU C 89 16.73 -4.88 -8.58
N VAL C 90 16.85 -5.88 -7.69
CA VAL C 90 17.22 -5.61 -6.30
C VAL C 90 18.65 -5.09 -6.28
N GLU C 91 19.04 -4.54 -5.13
CA GLU C 91 20.33 -3.88 -4.98
C GLU C 91 21.10 -4.56 -3.82
N LEU C 92 22.28 -5.09 -4.14
CA LEU C 92 23.16 -5.69 -3.15
C LEU C 92 23.96 -4.59 -2.46
N LEU C 93 24.02 -4.65 -1.13
CA LEU C 93 24.77 -3.70 -0.32
C LEU C 93 26.10 -4.29 0.14
N GLY C 94 26.15 -5.59 0.43
CA GLY C 94 27.39 -6.19 0.86
C GLY C 94 27.19 -7.67 1.10
N PHE C 95 28.20 -8.27 1.73
CA PHE C 95 28.24 -9.71 1.89
C PHE C 95 29.16 -10.04 3.05
N SER C 96 29.08 -11.28 3.52
CA SER C 96 30.08 -11.81 4.44
C SER C 96 30.46 -13.20 3.94
N SER C 97 31.77 -13.46 3.89
CA SER C 97 32.27 -14.79 3.53
C SER C 97 33.26 -15.32 4.55
N ASP C 98 33.37 -14.71 5.73
CA ASP C 98 34.34 -15.22 6.68
C ASP C 98 33.81 -16.49 7.33
N GLY C 99 34.75 -17.33 7.79
CA GLY C 99 34.40 -18.62 8.33
C GLY C 99 33.75 -19.51 7.28
N ASP C 100 32.84 -20.36 7.73
CA ASP C 100 32.09 -21.27 6.87
C ASP C 100 30.67 -20.79 6.61
N ASP C 101 30.42 -19.49 6.73
CA ASP C 101 29.12 -18.89 6.54
C ASP C 101 29.16 -17.96 5.33
N LEU C 102 28.04 -17.89 4.62
CA LEU C 102 27.90 -17.07 3.43
C LEU C 102 26.62 -16.26 3.54
N CYS C 103 26.74 -14.92 3.53
CA CYS C 103 25.59 -14.03 3.69
C CYS C 103 25.64 -12.95 2.63
N LEU C 104 24.46 -12.58 2.13
CA LEU C 104 24.29 -11.51 1.15
C LEU C 104 23.37 -10.48 1.76
N VAL C 105 23.73 -9.19 1.67
CA VAL C 105 22.96 -8.14 2.34
C VAL C 105 22.38 -7.20 1.29
N TYR C 106 21.07 -6.97 1.34
CA TYR C 106 20.39 -6.20 0.31
C TYR C 106 19.56 -5.08 0.93
N VAL C 107 19.18 -4.14 0.07
CA VAL C 107 18.16 -3.17 0.44
C VAL C 107 16.83 -3.90 0.63
N TYR C 108 16.19 -3.67 1.77
CA TYR C 108 14.97 -4.38 2.15
C TYR C 108 13.80 -3.97 1.26
N MET C 109 12.95 -4.95 0.91
CA MET C 109 11.77 -4.71 0.08
C MET C 109 10.50 -4.69 0.95
N PRO C 110 9.88 -3.53 1.18
CA PRO C 110 8.76 -3.46 2.13
C PRO C 110 7.56 -4.31 1.78
N ASN C 111 7.39 -4.74 0.53
CA ASN C 111 6.24 -5.58 0.22
C ASN C 111 6.63 -6.99 -0.18
N GLY C 112 7.85 -7.42 0.16
CA GLY C 112 8.15 -8.85 0.08
C GLY C 112 8.12 -9.38 -1.34
N SER C 113 7.68 -10.64 -1.49
CA SER C 113 7.65 -11.24 -2.81
C SER C 113 6.26 -11.17 -3.45
N LEU C 114 6.26 -11.15 -4.78
CA LEU C 114 5.00 -11.25 -5.54
C LEU C 114 4.22 -12.50 -5.18
N LEU C 115 4.92 -13.64 -5.02
CA LEU C 115 4.25 -14.88 -4.63
C LEU C 115 3.43 -14.67 -3.36
N ASP C 116 4.07 -14.05 -2.36
CA ASP C 116 3.40 -13.85 -1.08
C ASP C 116 2.28 -12.81 -1.16
N ARG C 117 2.45 -11.75 -1.97
CA ARG C 117 1.35 -10.78 -2.08
C ARG C 117 0.19 -11.35 -2.90
N LEU C 118 0.48 -12.25 -3.84
CA LEU C 118 -0.63 -12.92 -4.53
C LEU C 118 -1.38 -13.86 -3.59
N SER C 119 -0.72 -14.44 -2.59
CA SER C 119 -1.42 -15.29 -1.65
C SER C 119 -1.94 -14.53 -0.43
N CYS C 120 -1.70 -13.22 -0.37
CA CYS C 120 -2.09 -12.38 0.78
C CYS C 120 -1.50 -12.91 2.09
N LEU C 121 -0.28 -13.44 2.01
CA LEU C 121 0.43 -13.87 3.20
C LEU C 121 0.49 -12.76 4.24
N ASP C 122 0.25 -13.11 5.51
CA ASP C 122 0.36 -12.18 6.64
C ASP C 122 -0.69 -11.09 6.59
N GLY C 123 -1.72 -11.25 5.77
CA GLY C 123 -2.89 -10.37 5.85
C GLY C 123 -2.82 -9.14 4.97
N THR C 124 -1.90 -9.10 4.02
CA THR C 124 -1.84 -8.00 3.07
C THR C 124 -3.06 -8.02 2.14
N PRO C 125 -3.54 -6.86 1.72
CA PRO C 125 -4.76 -6.83 0.89
C PRO C 125 -4.48 -7.35 -0.51
N PRO C 126 -5.48 -7.95 -1.17
CA PRO C 126 -5.25 -8.45 -2.54
C PRO C 126 -4.79 -7.32 -3.47
N LEU C 127 -3.91 -7.67 -4.40
CA LEU C 127 -3.44 -6.72 -5.40
C LEU C 127 -4.52 -6.45 -6.44
N SER C 128 -4.74 -5.18 -6.76
CA SER C 128 -5.68 -4.79 -7.79
C SER C 128 -5.17 -5.22 -9.16
N TRP C 129 -6.10 -5.32 -10.11
CA TRP C 129 -5.69 -5.64 -11.47
C TRP C 129 -4.78 -4.55 -12.04
N HIS C 130 -5.06 -3.28 -11.73
CA HIS C 130 -4.22 -2.20 -12.23
C HIS C 130 -2.78 -2.35 -11.73
N MET C 131 -2.61 -2.70 -10.45
CA MET C 131 -1.29 -2.89 -9.88
CA MET C 131 -1.27 -2.87 -9.90
C MET C 131 -0.60 -4.11 -10.48
N ARG C 132 -1.35 -5.18 -10.72
CA ARG C 132 -0.76 -6.37 -11.33
C ARG C 132 -0.20 -6.08 -12.72
N CYS C 133 -0.90 -5.22 -13.47
CA CYS C 133 -0.41 -4.86 -14.80
C CYS C 133 0.93 -4.12 -14.71
N LYS C 134 1.02 -3.14 -13.80
CA LYS C 134 2.27 -2.42 -13.61
C LYS C 134 3.39 -3.34 -13.10
N ILE C 135 3.04 -4.29 -12.23
CA ILE C 135 4.06 -5.23 -11.74
C ILE C 135 4.59 -6.09 -12.88
N ALA C 136 3.68 -6.61 -13.73
CA ALA C 136 4.11 -7.39 -14.89
C ALA C 136 5.03 -6.56 -15.81
N GLN C 137 4.67 -5.31 -16.06
CA GLN C 137 5.51 -4.44 -16.88
C GLN C 137 6.89 -4.27 -16.26
N GLY C 138 6.93 -3.99 -14.96
CA GLY C 138 8.22 -3.81 -14.30
C GLY C 138 9.08 -5.06 -14.31
N ALA C 139 8.48 -6.21 -14.01
CA ALA C 139 9.24 -7.46 -14.07
C ALA C 139 9.81 -7.69 -15.46
N ALA C 140 9.03 -7.44 -16.51
CA ALA C 140 9.53 -7.58 -17.88
C ALA C 140 10.65 -6.58 -18.16
N ASN C 141 10.56 -5.36 -17.63
CA ASN C 141 11.66 -4.41 -17.84
C ASN C 141 12.95 -4.88 -17.19
N GLY C 142 12.85 -5.50 -16.01
CA GLY C 142 14.04 -6.02 -15.35
C GLY C 142 14.66 -7.18 -16.11
N ILE C 143 13.83 -8.12 -16.60
CA ILE C 143 14.35 -9.22 -17.40
C ILE C 143 14.98 -8.69 -18.69
N ASN C 144 14.37 -7.66 -19.28
CA ASN C 144 14.95 -7.08 -20.48
C ASN C 144 16.32 -6.52 -20.21
N PHE C 145 16.50 -5.83 -19.07
CA PHE C 145 17.82 -5.32 -18.73
C PHE C 145 18.82 -6.46 -18.59
N LEU C 146 18.42 -7.56 -17.94
CA LEU C 146 19.31 -8.71 -17.81
C LEU C 146 19.70 -9.26 -19.18
N HIS C 147 18.72 -9.49 -20.05
CA HIS C 147 19.03 -10.12 -21.33
C HIS C 147 19.84 -9.17 -22.23
N GLU C 148 19.59 -7.86 -22.14
CA GLU C 148 20.42 -6.90 -22.86
C GLU C 148 21.86 -6.94 -22.38
N ASN C 149 22.07 -7.26 -21.10
CA ASN C 149 23.43 -7.37 -20.59
C ASN C 149 23.95 -8.80 -20.64
N HIS C 150 23.32 -9.64 -21.46
CA HIS C 150 23.81 -10.98 -21.78
C HIS C 150 23.81 -11.91 -20.58
N HIS C 151 22.77 -11.81 -19.75
CA HIS C 151 22.57 -12.70 -18.61
C HIS C 151 21.27 -13.46 -18.77
N ILE C 152 21.32 -14.78 -18.56
CA ILE C 152 20.15 -15.65 -18.43
C ILE C 152 19.92 -15.88 -16.95
N HIS C 153 18.69 -15.65 -16.48
CA HIS C 153 18.43 -15.72 -15.03
C HIS C 153 18.41 -17.16 -14.54
N ARG C 154 17.65 -18.04 -15.22
CA ARG C 154 17.49 -19.47 -14.98
C ARG C 154 16.57 -19.80 -13.80
N ASP C 155 16.01 -18.83 -13.10
CA ASP C 155 15.10 -19.14 -11.99
C ASP C 155 14.05 -18.04 -11.85
N ILE C 156 13.45 -17.64 -12.98
CA ILE C 156 12.36 -16.66 -12.90
C ILE C 156 11.13 -17.33 -12.30
N LYS C 157 10.59 -16.73 -11.25
CA LYS C 157 9.38 -17.23 -10.59
C LYS C 157 8.90 -16.10 -9.69
N SER C 158 7.65 -16.22 -9.21
CA SER C 158 7.09 -15.09 -8.47
CA SER C 158 7.06 -15.11 -8.46
C SER C 158 7.75 -14.91 -7.10
N ALA C 159 8.34 -15.96 -6.52
CA ALA C 159 9.07 -15.78 -5.27
C ALA C 159 10.33 -14.93 -5.45
N ASN C 160 10.89 -14.90 -6.66
CA ASN C 160 12.06 -14.10 -6.96
C ASN C 160 11.71 -12.76 -7.59
N ILE C 161 10.45 -12.34 -7.56
CA ILE C 161 10.07 -11.01 -8.00
C ILE C 161 9.60 -10.26 -6.77
N LEU C 162 10.41 -9.29 -6.32
CA LEU C 162 10.14 -8.62 -5.05
C LEU C 162 9.48 -7.25 -5.32
N LEU C 163 8.95 -6.65 -4.27
CA LEU C 163 8.09 -5.47 -4.41
C LEU C 163 8.47 -4.42 -3.39
N ASP C 164 8.76 -3.20 -3.85
CA ASP C 164 9.18 -2.18 -2.90
C ASP C 164 7.94 -1.48 -2.32
N GLU C 165 8.17 -0.33 -1.67
CA GLU C 165 7.11 0.41 -1.00
C GLU C 165 5.98 0.80 -1.96
N ALA C 166 6.33 1.13 -3.21
CA ALA C 166 5.33 1.56 -4.18
C ALA C 166 4.96 0.44 -5.13
N PHE C 167 5.30 -0.78 -4.77
CA PHE C 167 5.03 -2.00 -5.55
C PHE C 167 5.79 -2.01 -6.87
N THR C 168 6.91 -1.30 -6.94
CA THR C 168 7.86 -1.47 -8.05
C THR C 168 8.42 -2.88 -8.02
N ALA C 169 8.36 -3.58 -9.16
CA ALA C 169 8.81 -4.97 -9.22
C ALA C 169 10.33 -5.04 -9.35
N LYS C 170 10.97 -5.92 -8.59
CA LYS C 170 12.44 -6.04 -8.65
C LYS C 170 12.82 -7.51 -8.78
N ILE C 171 13.51 -7.88 -9.86
CA ILE C 171 14.00 -9.25 -9.99
C ILE C 171 15.11 -9.49 -8.97
N SER C 172 15.12 -10.66 -8.34
CA SER C 172 16.15 -11.06 -7.38
C SER C 172 16.67 -12.46 -7.71
N ASP C 173 17.69 -12.87 -6.95
CA ASP C 173 18.29 -14.22 -6.96
C ASP C 173 19.07 -14.55 -8.23
N PHE C 174 20.31 -14.09 -8.31
CA PHE C 174 21.11 -14.28 -9.52
C PHE C 174 22.17 -15.36 -9.35
N GLY C 175 22.03 -16.20 -8.32
CA GLY C 175 23.04 -17.22 -8.07
C GLY C 175 23.15 -18.25 -9.17
N LEU C 176 22.10 -18.44 -9.96
CA LEU C 176 22.13 -19.41 -11.06
C LEU C 176 22.35 -18.78 -12.43
N ALA C 177 22.58 -17.48 -12.49
CA ALA C 177 22.60 -16.79 -13.78
C ALA C 177 23.81 -17.23 -14.60
N ARG C 178 23.63 -17.24 -15.92
CA ARG C 178 24.65 -17.61 -16.88
C ARG C 178 24.73 -16.58 -18.00
N ALA C 179 25.95 -16.38 -18.50
CA ALA C 179 26.13 -15.59 -19.72
C ALA C 179 25.38 -16.23 -20.87
N SER C 180 24.65 -15.41 -21.63
CA SER C 180 23.94 -15.90 -22.82
C SER C 180 24.94 -16.42 -23.85
N VAL C 187 23.69 -24.43 -25.63
CA VAL C 187 24.54 -24.77 -24.50
C VAL C 187 23.83 -25.80 -23.62
N MET C 188 24.58 -26.81 -23.20
CA MET C 188 24.05 -27.80 -22.26
C MET C 188 24.81 -27.78 -20.93
N ARG C 191 24.41 -30.27 -14.84
CA ARG C 191 23.76 -30.03 -13.56
C ARG C 191 22.47 -29.24 -13.77
N ILE C 192 21.33 -29.93 -13.78
CA ILE C 192 20.05 -29.29 -14.03
C ILE C 192 19.60 -28.55 -12.77
N VAL C 193 19.35 -27.25 -12.89
CA VAL C 193 18.93 -26.42 -11.77
C VAL C 193 17.72 -25.59 -12.20
N GLY C 194 16.96 -25.15 -11.21
CA GLY C 194 15.76 -24.38 -11.44
C GLY C 194 14.61 -24.89 -10.57
N THR C 195 13.45 -24.27 -10.77
CA THR C 195 12.23 -24.64 -10.03
C THR C 195 11.24 -25.28 -10.99
N THR C 196 10.95 -26.56 -10.75
CA THR C 196 10.31 -27.41 -11.75
C THR C 196 9.00 -26.83 -12.30
N ALA C 197 8.14 -26.31 -11.43
CA ALA C 197 6.82 -25.88 -11.87
C ALA C 197 6.87 -24.67 -12.81
N TYR C 198 8.03 -23.99 -12.93
CA TYR C 198 8.19 -22.85 -13.82
C TYR C 198 9.02 -23.14 -15.05
N MET C 199 9.67 -24.29 -15.14
CA MET C 199 10.72 -24.52 -16.15
C MET C 199 10.18 -24.93 -17.51
N ALA C 200 10.83 -24.40 -18.54
CA ALA C 200 10.56 -24.79 -19.90
C ALA C 200 11.01 -26.24 -20.11
N PRO C 201 10.36 -26.96 -21.02
CA PRO C 201 10.81 -28.34 -21.30
C PRO C 201 12.29 -28.45 -21.62
N GLU C 202 12.86 -27.52 -22.39
CA GLU C 202 14.27 -27.65 -22.74
C GLU C 202 15.17 -27.40 -21.53
N ALA C 203 14.73 -26.55 -20.61
CA ALA C 203 15.50 -26.33 -19.38
C ALA C 203 15.47 -27.57 -18.49
N LEU C 204 14.32 -28.25 -18.42
CA LEU C 204 14.23 -29.51 -17.71
C LEU C 204 15.22 -30.55 -18.20
N ARG C 205 15.68 -30.46 -19.45
CA ARG C 205 16.59 -31.47 -20.00
C ARG C 205 18.03 -30.98 -20.03
N GLY C 206 18.31 -29.82 -19.47
CA GLY C 206 19.66 -29.32 -19.34
C GLY C 206 20.09 -28.28 -20.36
N GLU C 207 19.19 -27.76 -21.18
CA GLU C 207 19.56 -26.72 -22.12
C GLU C 207 19.54 -25.38 -21.42
N ILE C 208 20.47 -24.52 -21.79
CA ILE C 208 20.58 -23.17 -21.23
C ILE C 208 20.34 -22.20 -22.38
N THR C 209 19.25 -21.42 -22.29
CA THR C 209 18.88 -20.45 -23.32
C THR C 209 18.02 -19.35 -22.73
N PRO C 210 18.21 -18.10 -23.14
CA PRO C 210 17.33 -17.02 -22.66
C PRO C 210 15.86 -17.28 -22.92
N LYS C 211 15.54 -18.08 -23.93
CA LYS C 211 14.15 -18.40 -24.22
C LYS C 211 13.47 -19.12 -23.06
N SER C 212 14.24 -19.78 -22.18
CA SER C 212 13.65 -20.45 -21.03
C SER C 212 13.17 -19.44 -19.98
N ASP C 213 13.88 -18.31 -19.83
CA ASP C 213 13.38 -17.21 -19.01
C ASP C 213 12.02 -16.73 -19.49
N ILE C 214 11.83 -16.67 -20.81
CA ILE C 214 10.57 -16.19 -21.36
C ILE C 214 9.44 -17.13 -20.98
N TYR C 215 9.65 -18.44 -21.14
CA TYR C 215 8.66 -19.42 -20.73
C TYR C 215 8.29 -19.26 -19.26
N SER C 216 9.30 -19.18 -18.39
CA SER C 216 9.04 -19.08 -16.96
C SER C 216 8.29 -17.79 -16.63
N PHE C 217 8.60 -16.70 -17.33
CA PHE C 217 7.83 -15.48 -17.16
C PHE C 217 6.37 -15.66 -17.58
N GLY C 218 6.11 -16.50 -18.60
CA GLY C 218 4.73 -16.79 -18.94
C GLY C 218 3.98 -17.47 -17.81
N VAL C 219 4.67 -18.34 -17.07
CA VAL C 219 4.05 -18.95 -15.89
C VAL C 219 3.72 -17.89 -14.85
N VAL C 220 4.65 -16.97 -14.60
CA VAL C 220 4.39 -15.86 -13.68
C VAL C 220 3.15 -15.09 -14.12
N LEU C 221 3.01 -14.83 -15.42
CA LEU C 221 1.83 -14.09 -15.87
C LEU C 221 0.55 -14.85 -15.57
N LEU C 222 0.57 -16.19 -15.66
CA LEU C 222 -0.59 -16.97 -15.25
C LEU C 222 -0.84 -16.86 -13.76
N GLU C 223 0.23 -16.83 -12.97
CA GLU C 223 0.03 -16.63 -11.54
C GLU C 223 -0.63 -15.28 -11.26
N ILE C 224 -0.22 -14.25 -12.01
CA ILE C 224 -0.75 -12.91 -11.78
C ILE C 224 -2.23 -12.86 -12.14
N ILE C 225 -2.61 -13.51 -13.25
CA ILE C 225 -4.00 -13.47 -13.71
C ILE C 225 -4.90 -14.25 -12.75
N THR C 226 -4.43 -15.39 -12.27
CA THR C 226 -5.28 -16.35 -11.57
C THR C 226 -5.16 -16.27 -10.05
N GLY C 227 -4.09 -15.68 -9.53
CA GLY C 227 -3.78 -15.77 -8.12
C GLY C 227 -3.39 -17.16 -7.65
N LEU C 228 -3.21 -18.10 -8.58
CA LEU C 228 -2.86 -19.47 -8.22
C LEU C 228 -1.35 -19.67 -8.32
N PRO C 229 -0.70 -20.27 -7.33
CA PRO C 229 0.74 -20.53 -7.46
C PRO C 229 0.98 -21.58 -8.52
N ALA C 230 2.19 -21.57 -9.09
CA ALA C 230 2.50 -22.49 -10.18
C ALA C 230 2.38 -23.93 -9.74
N VAL C 231 2.69 -24.24 -8.48
CA VAL C 231 2.41 -25.58 -7.97
C VAL C 231 1.71 -25.45 -6.63
N ASP C 232 0.70 -26.29 -6.42
CA ASP C 232 -0.01 -26.42 -5.14
C ASP C 232 -0.30 -27.90 -4.95
N GLU C 233 0.38 -28.52 -3.98
CA GLU C 233 0.27 -29.96 -3.81
C GLU C 233 -1.12 -30.37 -3.32
N HIS C 234 -1.90 -29.41 -2.83
CA HIS C 234 -3.24 -29.69 -2.36
C HIS C 234 -4.29 -29.24 -3.36
N ARG C 235 -3.89 -28.97 -4.59
CA ARG C 235 -4.79 -28.55 -5.65
C ARG C 235 -4.91 -29.65 -6.71
N GLU C 236 -6.08 -29.70 -7.34
CA GLU C 236 -6.26 -30.54 -8.54
C GLU C 236 -6.60 -29.62 -9.71
N PRO C 237 -5.75 -29.50 -10.75
CA PRO C 237 -4.40 -30.08 -10.92
C PRO C 237 -3.34 -29.41 -10.06
N GLN C 238 -2.30 -30.15 -9.67
CA GLN C 238 -1.23 -29.58 -8.86
C GLN C 238 -0.48 -28.48 -9.61
N LEU C 239 -0.29 -28.65 -10.93
CA LEU C 239 0.51 -27.73 -11.73
C LEU C 239 -0.36 -26.75 -12.50
N LEU C 240 -0.09 -25.46 -12.32
CA LEU C 240 -0.77 -24.41 -13.07
C LEU C 240 -0.63 -24.59 -14.58
N LEU C 241 0.47 -25.18 -15.05
CA LEU C 241 0.61 -25.47 -16.47
C LEU C 241 -0.46 -26.44 -16.95
N ASP C 242 -0.96 -27.32 -16.07
CA ASP C 242 -2.02 -28.23 -16.52
C ASP C 242 -3.33 -27.47 -16.70
N ILE C 243 -3.54 -26.41 -15.91
CA ILE C 243 -4.73 -25.58 -16.07
C ILE C 243 -4.69 -24.88 -17.43
N LYS C 244 -3.52 -24.37 -17.82
CA LYS C 244 -3.37 -23.74 -19.12
C LYS C 244 -3.80 -24.68 -20.23
N GLU C 245 -3.45 -25.96 -20.09
CA GLU C 245 -3.80 -26.92 -21.14
C GLU C 245 -5.29 -27.16 -21.23
N GLU C 246 -6.00 -27.07 -20.10
CA GLU C 246 -7.46 -27.22 -20.12
C GLU C 246 -8.10 -26.07 -20.89
N ILE C 247 -7.57 -24.86 -20.74
CA ILE C 247 -8.10 -23.71 -21.46
C ILE C 247 -7.83 -23.84 -22.95
N GLU C 248 -6.63 -24.30 -23.34
CA GLU C 248 -6.30 -24.44 -24.75
C GLU C 248 -7.09 -25.55 -25.41
N ASP C 249 -7.45 -26.61 -24.65
CA ASP C 249 -8.28 -27.68 -25.18
C ASP C 249 -9.77 -27.35 -25.15
N GLU C 250 -10.12 -26.09 -24.89
CA GLU C 250 -11.48 -25.55 -24.90
C GLU C 250 -12.35 -26.15 -23.80
N GLU C 251 -11.76 -26.90 -22.86
CA GLU C 251 -12.50 -27.40 -21.71
C GLU C 251 -12.79 -26.30 -20.69
N LYS C 252 -12.02 -25.21 -20.72
CA LYS C 252 -12.24 -24.08 -19.84
C LYS C 252 -11.89 -22.80 -20.61
N THR C 253 -12.18 -21.65 -20.01
CA THR C 253 -11.67 -20.39 -20.53
C THR C 253 -10.89 -19.68 -19.43
N ILE C 254 -10.15 -18.64 -19.82
CA ILE C 254 -9.38 -17.91 -18.83
C ILE C 254 -10.30 -17.18 -17.86
N GLU C 255 -11.54 -16.89 -18.26
CA GLU C 255 -12.48 -16.23 -17.37
C GLU C 255 -12.83 -17.10 -16.17
N ASP C 256 -12.91 -18.42 -16.37
CA ASP C 256 -13.18 -19.31 -15.23
C ASP C 256 -12.10 -19.23 -14.16
N TYR C 257 -10.88 -18.82 -14.51
CA TYR C 257 -9.77 -18.85 -13.59
C TYR C 257 -9.27 -17.48 -13.17
N ILE C 258 -9.93 -16.39 -13.58
CA ILE C 258 -9.49 -15.06 -13.14
C ILE C 258 -9.61 -14.99 -11.62
N ASP C 259 -8.57 -14.45 -10.98
CA ASP C 259 -8.56 -14.29 -9.53
C ASP C 259 -9.81 -13.55 -9.09
N LYS C 260 -10.61 -14.19 -8.24
CA LYS C 260 -11.84 -13.56 -7.76
C LYS C 260 -11.58 -12.48 -6.70
N LYS C 261 -10.34 -12.35 -6.24
CA LYS C 261 -9.98 -11.36 -5.22
C LYS C 261 -9.62 -10.03 -5.87
N MET C 262 -10.22 -9.73 -7.01
CA MET C 262 -10.12 -8.41 -7.62
C MET C 262 -11.52 -7.92 -7.95
N ASN C 263 -11.67 -6.61 -8.01
CA ASN C 263 -12.92 -6.00 -8.45
C ASN C 263 -12.76 -5.15 -9.70
N ASP C 264 -11.55 -5.06 -10.28
CA ASP C 264 -11.28 -4.09 -11.34
C ASP C 264 -10.65 -4.73 -12.57
N ALA C 265 -10.81 -6.05 -12.74
CA ALA C 265 -10.19 -6.78 -13.83
C ALA C 265 -11.18 -6.87 -15.00
N ASP C 266 -10.99 -5.99 -15.99
CA ASP C 266 -11.85 -6.02 -17.17
C ASP C 266 -11.41 -7.14 -18.11
N SER C 267 -12.37 -7.66 -18.88
CA SER C 267 -12.14 -8.86 -19.66
C SER C 267 -11.13 -8.63 -20.79
N THR C 268 -11.19 -7.46 -21.44
CA THR C 268 -10.29 -7.21 -22.57
C THR C 268 -8.84 -7.19 -22.12
N SER C 269 -8.57 -6.55 -20.97
CA SER C 269 -7.22 -6.43 -20.45
C SER C 269 -6.67 -7.78 -20.01
N VAL C 270 -7.48 -8.56 -19.29
CA VAL C 270 -7.07 -9.87 -18.82
C VAL C 270 -6.76 -10.79 -20.00
N GLU C 271 -7.60 -10.73 -21.04
CA GLU C 271 -7.37 -11.54 -22.22
C GLU C 271 -6.10 -11.12 -22.95
N ALA C 272 -5.76 -9.83 -22.88
CA ALA C 272 -4.51 -9.37 -23.47
C ALA C 272 -3.29 -9.90 -22.71
N MET C 273 -3.34 -9.88 -21.37
CA MET C 273 -2.25 -10.50 -20.62
C MET C 273 -2.17 -12.00 -20.90
N TYR C 274 -3.32 -12.67 -20.96
CA TYR C 274 -3.30 -14.10 -21.20
C TYR C 274 -2.74 -14.42 -22.57
N SER C 275 -3.00 -13.56 -23.55
CA SER C 275 -2.39 -13.70 -24.87
C SER C 275 -0.87 -13.65 -24.79
N VAL C 276 -0.33 -12.68 -24.05
CA VAL C 276 1.12 -12.61 -23.89
C VAL C 276 1.64 -13.86 -23.20
N ALA C 277 0.94 -14.31 -22.16
CA ALA C 277 1.37 -15.51 -21.46
C ALA C 277 1.41 -16.71 -22.38
N SER C 278 0.37 -16.85 -23.22
CA SER C 278 0.27 -18.02 -24.11
C SER C 278 1.39 -18.03 -25.14
N GLN C 279 1.84 -16.85 -25.58
CA GLN C 279 2.97 -16.78 -26.51
C GLN C 279 4.27 -17.16 -25.80
N CYS C 280 4.47 -16.68 -24.57
CA CYS C 280 5.63 -17.08 -23.79
C CYS C 280 5.69 -18.58 -23.57
N LEU C 281 4.52 -19.23 -23.46
CA LEU C 281 4.41 -20.64 -23.11
C LEU C 281 4.39 -21.55 -24.34
N HIS C 282 4.76 -21.06 -25.51
CA HIS C 282 4.96 -21.94 -26.66
C HIS C 282 5.96 -23.02 -26.29
N GLU C 283 5.64 -24.27 -26.64
CA GLU C 283 6.52 -25.34 -26.22
C GLU C 283 7.82 -25.34 -27.01
N LYS C 284 7.73 -25.04 -28.31
CA LYS C 284 8.91 -24.85 -29.15
C LYS C 284 9.52 -23.50 -28.82
N LYS C 285 10.79 -23.50 -28.39
CA LYS C 285 11.39 -22.29 -27.84
C LYS C 285 11.52 -21.19 -28.91
N ASN C 286 11.73 -21.58 -30.17
CA ASN C 286 11.92 -20.56 -31.20
C ASN C 286 10.64 -19.86 -31.61
N LYS C 287 9.48 -20.35 -31.19
CA LYS C 287 8.22 -19.66 -31.46
C LYS C 287 7.86 -18.67 -30.35
N ARG C 288 8.65 -18.61 -29.29
CA ARG C 288 8.33 -17.68 -28.22
C ARG C 288 8.81 -16.28 -28.60
N PRO C 289 8.15 -15.24 -28.10
CA PRO C 289 8.66 -13.88 -28.32
C PRO C 289 9.95 -13.66 -27.54
N ASP C 290 10.79 -12.75 -28.03
CA ASP C 290 11.88 -12.34 -27.16
C ASP C 290 11.36 -11.31 -26.14
N ILE C 291 12.21 -10.95 -25.19
CA ILE C 291 11.73 -10.16 -24.05
C ILE C 291 11.31 -8.77 -24.50
N LYS C 292 11.99 -8.20 -25.51
CA LYS C 292 11.61 -6.89 -26.01
C LYS C 292 10.20 -6.91 -26.59
N LYS C 293 9.84 -8.00 -27.28
CA LYS C 293 8.47 -8.14 -27.75
C LYS C 293 7.48 -8.26 -26.59
N VAL C 294 7.82 -9.06 -25.58
CA VAL C 294 6.98 -9.16 -24.38
C VAL C 294 6.74 -7.79 -23.76
N GLN C 295 7.81 -6.99 -23.65
CA GLN C 295 7.69 -5.61 -23.17
C GLN C 295 6.67 -4.82 -23.97
N GLN C 296 6.76 -4.87 -25.31
CA GLN C 296 5.87 -4.08 -26.14
C GLN C 296 4.42 -4.53 -25.99
N LEU C 297 4.19 -5.84 -25.94
CA LEU C 297 2.82 -6.34 -25.79
C LEU C 297 2.23 -5.91 -24.46
N LEU C 298 3.02 -5.97 -23.39
CA LEU C 298 2.52 -5.54 -22.08
C LEU C 298 2.29 -4.02 -22.04
N GLN C 299 3.05 -3.25 -22.82
CA GLN C 299 2.81 -1.81 -22.88
C GLN C 299 1.54 -1.49 -23.63
N GLU C 300 1.30 -2.19 -24.75
CA GLU C 300 0.06 -2.00 -25.49
C GLU C 300 -1.15 -2.45 -24.70
N MET C 301 -0.96 -3.34 -23.72
CA MET C 301 -2.08 -3.90 -22.96
C MET C 301 -2.79 -2.83 -22.14
N THR C 302 -2.05 -1.82 -21.69
CA THR C 302 -2.63 -0.74 -20.91
C THR C 302 -2.73 0.53 -21.75
N ARG D 8 -46.09 -5.64 13.07
CA ARG D 8 -45.18 -6.54 12.39
C ARG D 8 -44.26 -5.81 11.40
N PHE D 9 -44.13 -6.37 10.20
CA PHE D 9 -43.24 -5.85 9.18
C PHE D 9 -44.01 -5.03 8.16
N HIS D 10 -43.28 -4.25 7.36
CA HIS D 10 -43.93 -3.42 6.34
C HIS D 10 -44.22 -4.26 5.10
N SER D 11 -45.46 -4.22 4.63
CA SER D 11 -45.84 -4.94 3.42
C SER D 11 -45.52 -4.06 2.22
N PHE D 12 -44.60 -4.51 1.39
CA PHE D 12 -44.28 -3.82 0.15
C PHE D 12 -45.11 -4.41 -0.99
N SER D 13 -45.49 -3.55 -1.94
CA SER D 13 -45.99 -4.07 -3.21
C SER D 13 -44.80 -4.45 -4.08
N PHE D 14 -45.03 -5.39 -5.00
CA PHE D 14 -43.96 -5.81 -5.89
C PHE D 14 -43.45 -4.64 -6.73
N TYR D 15 -44.36 -3.79 -7.22
CA TYR D 15 -43.95 -2.64 -8.03
C TYR D 15 -43.10 -1.68 -7.21
N GLU D 16 -43.50 -1.44 -5.96
CA GLU D 16 -42.65 -0.71 -5.02
C GLU D 16 -41.24 -1.28 -4.95
N LEU D 17 -41.11 -2.61 -4.89
CA LEU D 17 -39.78 -3.21 -4.81
C LEU D 17 -39.03 -3.12 -6.14
N LYS D 18 -39.74 -2.97 -7.27
CA LYS D 18 -39.08 -2.68 -8.53
C LYS D 18 -38.36 -1.35 -8.47
N ASN D 19 -39.03 -0.32 -7.96
CA ASN D 19 -38.41 1.00 -7.79
C ASN D 19 -37.34 1.01 -6.70
N VAL D 20 -37.31 -0.01 -5.85
CA VAL D 20 -36.24 -0.12 -4.87
C VAL D 20 -34.97 -0.66 -5.49
N THR D 21 -35.09 -1.52 -6.50
CA THR D 21 -33.97 -2.34 -6.98
C THR D 21 -33.59 -2.01 -8.43
N ASN D 22 -33.99 -0.85 -8.95
CA ASN D 22 -33.87 -0.55 -10.37
C ASN D 22 -34.49 -1.67 -11.20
N ASN D 23 -35.76 -1.98 -10.89
CA ASN D 23 -36.53 -2.99 -11.62
C ASN D 23 -35.86 -4.37 -11.54
N PHE D 24 -35.34 -4.71 -10.36
CA PHE D 24 -34.64 -5.98 -10.13
C PHE D 24 -33.56 -6.19 -11.17
N ASP D 25 -32.58 -5.29 -11.15
CA ASP D 25 -31.46 -5.30 -12.08
C ASP D 25 -30.57 -6.51 -11.82
N GLU D 26 -30.57 -7.46 -12.76
CA GLU D 26 -29.83 -8.71 -12.63
C GLU D 26 -28.33 -8.56 -12.83
N ARG D 27 -27.86 -7.40 -13.29
CA ARG D 27 -26.43 -7.17 -13.44
C ARG D 27 -25.75 -7.09 -12.07
N PRO D 28 -24.50 -7.53 -11.97
CA PRO D 28 -23.78 -7.47 -10.69
C PRO D 28 -23.45 -6.05 -10.28
N ILE D 29 -23.01 -5.90 -9.03
CA ILE D 29 -22.75 -4.57 -8.48
C ILE D 29 -21.56 -3.92 -9.15
N SER D 30 -20.50 -4.69 -9.43
CA SER D 30 -19.32 -4.12 -10.05
C SER D 30 -19.64 -3.52 -11.42
N VAL D 31 -20.51 -4.20 -12.19
CA VAL D 31 -20.89 -3.69 -13.50
C VAL D 31 -21.77 -2.45 -13.36
N GLY D 32 -22.62 -2.42 -12.35
CA GLY D 32 -23.50 -1.29 -12.12
C GLY D 32 -24.93 -1.70 -11.81
N GLY D 33 -25.21 -2.99 -11.88
CA GLY D 33 -26.53 -3.52 -11.59
C GLY D 33 -26.77 -3.62 -10.09
N ASN D 34 -27.72 -4.47 -9.73
CA ASN D 34 -28.15 -4.59 -8.35
C ASN D 34 -27.99 -5.98 -7.76
N LYS D 35 -27.46 -6.94 -8.52
CA LYS D 35 -27.35 -8.32 -8.03
C LYS D 35 -26.16 -8.45 -7.09
N MET D 36 -26.42 -9.04 -5.92
CA MET D 36 -25.40 -9.27 -4.90
C MET D 36 -24.98 -10.72 -4.79
N GLY D 37 -25.76 -11.65 -5.33
CA GLY D 37 -25.51 -13.07 -5.16
C GLY D 37 -26.81 -13.84 -5.30
N GLU D 38 -26.69 -15.17 -5.22
CA GLU D 38 -27.84 -16.03 -5.43
C GLU D 38 -27.60 -17.42 -4.84
N GLY D 39 -28.71 -18.11 -4.56
CA GLY D 39 -28.71 -19.52 -4.25
C GLY D 39 -29.88 -20.20 -4.94
N GLY D 40 -30.01 -21.50 -4.69
CA GLY D 40 -31.15 -22.25 -5.22
C GLY D 40 -32.50 -21.76 -4.73
N PHE D 41 -32.50 -20.92 -3.69
CA PHE D 41 -33.70 -20.34 -3.11
C PHE D 41 -34.13 -19.05 -3.81
N GLY D 42 -33.21 -18.34 -4.44
CA GLY D 42 -33.52 -17.05 -5.04
C GLY D 42 -32.27 -16.22 -5.22
N VAL D 43 -32.48 -14.93 -5.45
CA VAL D 43 -31.42 -13.97 -5.77
C VAL D 43 -31.55 -12.76 -4.84
N VAL D 44 -30.42 -12.26 -4.35
CA VAL D 44 -30.39 -11.10 -3.44
C VAL D 44 -29.98 -9.85 -4.22
N TYR D 45 -30.74 -8.79 -4.08
CA TYR D 45 -30.51 -7.53 -4.78
C TYR D 45 -30.26 -6.41 -3.78
N LYS D 46 -29.38 -5.48 -4.16
CA LYS D 46 -29.23 -4.25 -3.40
C LYS D 46 -30.36 -3.27 -3.76
N GLY D 47 -30.74 -2.45 -2.79
CA GLY D 47 -31.75 -1.43 -3.05
C GLY D 47 -31.67 -0.34 -2.00
N TYR D 48 -32.48 0.70 -2.20
CA TYR D 48 -32.54 1.80 -1.24
C TYR D 48 -33.99 2.11 -0.90
N VAL D 49 -34.26 2.29 0.39
CA VAL D 49 -35.57 2.70 0.89
C VAL D 49 -35.33 3.82 1.90
N ASN D 50 -35.62 5.07 1.51
CA ASN D 50 -35.59 6.22 2.41
C ASN D 50 -34.25 6.37 3.12
N ASN D 51 -33.18 6.49 2.32
CA ASN D 51 -31.81 6.64 2.81
C ASN D 51 -31.31 5.41 3.55
N THR D 52 -32.10 4.35 3.65
CA THR D 52 -31.67 3.08 4.21
C THR D 52 -31.34 2.12 3.07
N THR D 53 -30.13 1.56 3.10
CA THR D 53 -29.78 0.54 2.13
C THR D 53 -30.37 -0.79 2.58
N VAL D 54 -30.94 -1.54 1.62
CA VAL D 54 -31.59 -2.80 1.92
C VAL D 54 -31.08 -3.91 1.01
N ALA D 55 -31.31 -5.14 1.45
CA ALA D 55 -31.14 -6.34 0.63
C ALA D 55 -32.53 -6.92 0.36
N VAL D 56 -32.83 -7.18 -0.90
CA VAL D 56 -34.11 -7.76 -1.30
C VAL D 56 -33.86 -9.16 -1.83
N LYS D 57 -34.41 -10.16 -1.16
CA LYS D 57 -34.34 -11.55 -1.59
C LYS D 57 -35.60 -11.87 -2.37
N LYS D 58 -35.43 -12.13 -3.67
CA LYS D 58 -36.53 -12.57 -4.54
C LYS D 58 -36.45 -14.08 -4.65
N LEU D 59 -37.47 -14.78 -4.15
CA LEU D 59 -37.42 -16.24 -4.06
C LEU D 59 -37.73 -16.84 -5.42
N ALA D 60 -36.92 -17.82 -5.81
CA ALA D 60 -37.07 -18.49 -7.10
C ALA D 60 -36.77 -19.98 -6.97
N ASP D 64 -35.79 -26.29 -7.64
CA ASP D 64 -36.03 -27.73 -7.76
C ASP D 64 -36.97 -28.23 -6.67
N ILE D 65 -37.92 -27.36 -6.29
CA ILE D 65 -38.92 -27.65 -5.26
C ILE D 65 -40.25 -27.10 -5.72
N THR D 66 -41.32 -27.58 -5.08
CA THR D 66 -42.66 -27.16 -5.50
C THR D 66 -42.96 -25.74 -5.00
N THR D 67 -44.01 -25.15 -5.60
CA THR D 67 -44.38 -23.77 -5.30
C THR D 67 -44.89 -23.63 -3.87
N GLU D 68 -45.72 -24.58 -3.43
CA GLU D 68 -46.17 -24.58 -2.04
C GLU D 68 -45.00 -24.67 -1.07
N GLU D 69 -44.01 -25.51 -1.39
CA GLU D 69 -42.82 -25.61 -0.56
C GLU D 69 -42.08 -24.28 -0.50
N LEU D 70 -41.93 -23.60 -1.65
CA LEU D 70 -41.27 -22.31 -1.65
C LEU D 70 -42.08 -21.28 -0.86
N LYS D 71 -43.41 -21.38 -0.92
CA LYS D 71 -44.25 -20.49 -0.11
C LYS D 71 -44.13 -20.83 1.38
N GLN D 72 -44.08 -22.12 1.70
CA GLN D 72 -43.89 -22.54 3.09
C GLN D 72 -42.63 -21.94 3.69
N GLN D 73 -41.58 -21.84 2.89
CA GLN D 73 -40.31 -21.32 3.39
C GLN D 73 -40.38 -19.81 3.59
N PHE D 74 -41.13 -19.13 2.73
CA PHE D 74 -41.38 -17.70 2.89
C PHE D 74 -42.11 -17.42 4.20
N ASP D 75 -43.19 -18.15 4.48
CA ASP D 75 -43.91 -17.93 5.74
C ASP D 75 -43.04 -18.26 6.94
N GLN D 76 -42.22 -19.32 6.85
CA GLN D 76 -41.39 -19.70 7.99
C GLN D 76 -40.40 -18.59 8.32
N GLU D 77 -39.74 -18.04 7.30
CA GLU D 77 -38.83 -16.92 7.50
C GLU D 77 -39.51 -15.77 8.22
N ILE D 78 -40.73 -15.42 7.80
CA ILE D 78 -41.44 -14.30 8.41
C ILE D 78 -41.83 -14.62 9.85
N LYS D 79 -42.34 -15.84 10.08
CA LYS D 79 -42.77 -16.21 11.43
C LYS D 79 -41.59 -16.27 12.39
N VAL D 80 -40.45 -16.81 11.95
CA VAL D 80 -39.28 -16.87 12.81
C VAL D 80 -38.77 -15.46 13.11
N MET D 81 -38.67 -14.62 12.08
CA MET D 81 -38.16 -13.26 12.31
CA MET D 81 -38.17 -13.26 12.31
C MET D 81 -39.10 -12.43 13.17
N ALA D 82 -40.41 -12.67 13.10
CA ALA D 82 -41.33 -11.89 13.91
C ALA D 82 -41.09 -12.10 15.39
N LYS D 83 -40.65 -13.30 15.77
CA LYS D 83 -40.45 -13.64 17.16
C LYS D 83 -38.99 -13.62 17.60
N CYS D 84 -38.05 -13.51 16.67
CA CYS D 84 -36.63 -13.64 16.98
C CYS D 84 -35.90 -12.38 16.55
N GLN D 85 -35.69 -11.48 17.50
CA GLN D 85 -34.89 -10.26 17.31
C GLN D 85 -33.69 -10.37 18.24
N HIS D 86 -32.49 -10.26 17.68
CA HIS D 86 -31.30 -10.49 18.48
C HIS D 86 -30.13 -9.83 17.77
N GLU D 87 -29.10 -9.50 18.56
CA GLU D 87 -27.94 -8.79 18.00
C GLU D 87 -27.25 -9.61 16.93
N ASN D 88 -27.36 -10.94 16.97
CA ASN D 88 -26.62 -11.79 16.05
C ASN D 88 -27.54 -12.49 15.05
N LEU D 89 -28.68 -11.87 14.76
CA LEU D 89 -29.60 -12.30 13.70
C LEU D 89 -29.86 -11.13 12.75
N VAL D 90 -29.99 -11.43 11.46
CA VAL D 90 -30.32 -10.38 10.48
C VAL D 90 -31.70 -9.82 10.82
N GLU D 91 -31.97 -8.61 10.33
CA GLU D 91 -33.20 -7.91 10.61
C GLU D 91 -34.06 -7.86 9.36
N LEU D 92 -35.30 -8.37 9.45
CA LEU D 92 -36.26 -8.27 8.36
C LEU D 92 -37.03 -6.97 8.48
N LEU D 93 -37.15 -6.24 7.36
CA LEU D 93 -37.88 -4.98 7.34
C LEU D 93 -39.28 -5.14 6.79
N GLY D 94 -39.47 -6.07 5.88
CA GLY D 94 -40.79 -6.27 5.31
C GLY D 94 -40.75 -7.34 4.25
N PHE D 95 -41.82 -7.40 3.48
CA PHE D 95 -41.98 -8.47 2.52
C PHE D 95 -42.95 -7.99 1.44
N SER D 96 -43.03 -8.78 0.37
CA SER D 96 -43.98 -8.57 -0.71
C SER D 96 -44.58 -9.92 -1.05
N SER D 97 -45.91 -9.99 -1.14
CA SER D 97 -46.58 -11.20 -1.54
C SER D 97 -47.81 -10.88 -2.39
N ASP D 101 -44.24 -12.64 -7.46
CA ASP D 101 -43.11 -13.22 -6.73
C ASP D 101 -43.18 -12.91 -5.25
N LEU D 102 -42.49 -13.73 -4.45
CA LEU D 102 -42.34 -13.51 -3.03
C LEU D 102 -40.98 -12.87 -2.77
N CYS D 103 -40.97 -11.78 -2.00
CA CYS D 103 -39.75 -11.05 -1.71
C CYS D 103 -39.67 -10.78 -0.22
N LEU D 104 -38.46 -10.88 0.33
CA LEU D 104 -38.17 -10.48 1.69
C LEU D 104 -37.17 -9.33 1.64
N VAL D 105 -37.40 -8.32 2.48
CA VAL D 105 -36.57 -7.12 2.51
C VAL D 105 -35.86 -7.06 3.86
N TYR D 106 -34.55 -6.96 3.82
CA TYR D 106 -33.72 -6.94 5.03
C TYR D 106 -32.88 -5.67 5.07
N VAL D 107 -32.35 -5.40 6.27
CA VAL D 107 -31.31 -4.38 6.39
C VAL D 107 -30.05 -4.89 5.70
N TYR D 108 -29.45 -4.04 4.87
CA TYR D 108 -28.28 -4.42 4.09
C TYR D 108 -27.07 -4.67 4.99
N MET D 109 -26.34 -5.76 4.73
CA MET D 109 -25.08 -6.07 5.39
C MET D 109 -23.88 -5.55 4.62
N PRO D 110 -23.21 -4.50 5.11
CA PRO D 110 -22.11 -3.90 4.34
C PRO D 110 -20.94 -4.81 4.07
N ASN D 111 -20.74 -5.89 4.84
CA ASN D 111 -19.58 -6.74 4.63
C ASN D 111 -19.96 -8.15 4.19
N GLY D 112 -21.20 -8.34 3.73
CA GLY D 112 -21.55 -9.54 2.99
C GLY D 112 -21.48 -10.79 3.86
N SER D 113 -21.17 -11.91 3.24
CA SER D 113 -21.12 -13.16 3.98
C SER D 113 -19.72 -13.48 4.51
N LEU D 114 -19.71 -14.27 5.60
CA LEU D 114 -18.46 -14.78 6.14
C LEU D 114 -17.71 -15.62 5.11
N LEU D 115 -18.42 -16.46 4.36
CA LEU D 115 -17.79 -17.24 3.30
C LEU D 115 -17.00 -16.34 2.36
N ASP D 116 -17.62 -15.25 1.89
CA ASP D 116 -16.95 -14.43 0.90
C ASP D 116 -15.83 -13.61 1.52
N ARG D 117 -15.95 -13.23 2.79
CA ARG D 117 -14.84 -12.51 3.40
C ARG D 117 -13.67 -13.44 3.71
N LEU D 118 -13.93 -14.72 3.98
CA LEU D 118 -12.82 -15.65 4.20
C LEU D 118 -12.08 -15.93 2.89
N SER D 119 -12.76 -15.81 1.76
CA SER D 119 -12.11 -15.99 0.46
C SER D 119 -11.62 -14.68 -0.12
N CYS D 120 -11.83 -13.56 0.57
CA CYS D 120 -11.45 -12.21 0.12
C CYS D 120 -12.08 -11.86 -1.21
N LEU D 121 -13.30 -12.34 -1.43
CA LEU D 121 -14.00 -12.08 -2.68
C LEU D 121 -14.06 -10.59 -2.98
N ASP D 122 -13.88 -10.24 -4.25
CA ASP D 122 -13.92 -8.85 -4.74
C ASP D 122 -12.80 -7.98 -4.18
N GLY D 123 -11.81 -8.59 -3.53
CA GLY D 123 -10.62 -7.88 -3.11
C GLY D 123 -10.63 -7.34 -1.71
N THR D 124 -11.53 -7.81 -0.85
CA THR D 124 -11.56 -7.32 0.53
C THR D 124 -10.35 -7.86 1.29
N PRO D 125 -9.85 -7.11 2.28
CA PRO D 125 -8.65 -7.55 3.01
C PRO D 125 -8.97 -8.72 3.92
N PRO D 126 -8.01 -9.63 4.15
CA PRO D 126 -8.29 -10.81 5.00
C PRO D 126 -8.74 -10.42 6.40
N LEU D 127 -9.62 -11.25 6.96
CA LEU D 127 -10.07 -11.03 8.32
C LEU D 127 -8.95 -11.43 9.28
N SER D 128 -8.72 -10.60 10.30
CA SER D 128 -7.72 -10.93 11.30
C SER D 128 -8.23 -12.03 12.23
N TRP D 129 -7.30 -12.64 12.96
CA TRP D 129 -7.70 -13.61 13.97
C TRP D 129 -8.59 -12.97 15.03
N HIS D 130 -8.25 -11.75 15.44
CA HIS D 130 -9.10 -11.06 16.41
C HIS D 130 -10.53 -10.94 15.90
N MET D 131 -10.71 -10.53 14.65
CA MET D 131 -12.06 -10.38 14.11
C MET D 131 -12.74 -11.74 14.01
N ARG D 132 -11.99 -12.77 13.65
CA ARG D 132 -12.58 -14.11 13.53
C ARG D 132 -13.09 -14.62 14.87
N CYS D 133 -12.36 -14.32 15.95
CA CYS D 133 -12.84 -14.77 17.26
C CYS D 133 -14.16 -14.11 17.62
N LYS D 134 -14.30 -12.80 17.32
CA LYS D 134 -15.57 -12.11 17.58
C LYS D 134 -16.69 -12.69 16.74
N ILE D 135 -16.40 -13.01 15.48
CA ILE D 135 -17.39 -13.58 14.59
C ILE D 135 -17.85 -14.94 15.08
N ALA D 136 -16.91 -15.79 15.50
CA ALA D 136 -17.29 -17.10 16.05
C ALA D 136 -18.18 -16.95 17.29
N GLN D 137 -17.80 -16.05 18.19
CA GLN D 137 -18.60 -15.84 19.39
C GLN D 137 -19.98 -15.28 19.04
N GLY D 138 -20.04 -14.32 18.11
CA GLY D 138 -21.32 -13.77 17.73
C GLY D 138 -22.23 -14.82 17.10
N ALA D 139 -21.66 -15.68 16.25
CA ALA D 139 -22.45 -16.70 15.57
C ALA D 139 -23.00 -17.70 16.58
N ALA D 140 -22.18 -18.11 17.55
CA ALA D 140 -22.66 -18.98 18.62
C ALA D 140 -23.74 -18.30 19.44
N ASN D 141 -23.63 -16.98 19.64
CA ASN D 141 -24.69 -16.28 20.38
C ASN D 141 -26.00 -16.31 19.62
N GLY D 142 -25.94 -16.19 18.29
CA GLY D 142 -27.17 -16.22 17.50
C GLY D 142 -27.81 -17.59 17.48
N ILE D 143 -26.99 -18.64 17.34
CA ILE D 143 -27.54 -20.01 17.38
C ILE D 143 -28.14 -20.29 18.75
N ASN D 144 -27.49 -19.79 19.81
CA ASN D 144 -28.05 -19.97 21.15
C ASN D 144 -29.42 -19.34 21.26
N PHE D 145 -29.57 -18.10 20.77
CA PHE D 145 -30.88 -17.46 20.79
C PHE D 145 -31.91 -18.29 20.03
N LEU D 146 -31.55 -18.77 18.83
CA LEU D 146 -32.47 -19.60 18.06
C LEU D 146 -32.89 -20.84 18.84
N HIS D 147 -31.92 -21.55 19.43
CA HIS D 147 -32.25 -22.79 20.14
C HIS D 147 -33.02 -22.50 21.44
N GLU D 148 -32.69 -21.41 22.12
CA GLU D 148 -33.47 -21.03 23.30
C GLU D 148 -34.92 -20.77 22.94
N ASN D 149 -35.17 -20.28 21.73
CA ASN D 149 -36.52 -20.04 21.27
C ASN D 149 -37.09 -21.24 20.50
N HIS D 150 -36.44 -22.41 20.64
CA HIS D 150 -36.94 -23.69 20.14
C HIS D 150 -36.99 -23.75 18.61
N HIS D 151 -35.98 -23.20 17.94
CA HIS D 151 -35.85 -23.32 16.49
C HIS D 151 -34.57 -24.04 16.13
N ILE D 152 -34.68 -24.95 15.17
CA ILE D 152 -33.52 -25.59 14.54
C ILE D 152 -33.33 -24.89 13.21
N HIS D 153 -32.11 -24.38 12.96
CA HIS D 153 -31.86 -23.63 11.73
C HIS D 153 -31.87 -24.53 10.50
N ARG D 154 -31.14 -25.63 10.54
CA ARG D 154 -31.03 -26.67 9.50
C ARG D 154 -30.13 -26.29 8.32
N ASP D 155 -29.57 -25.08 8.27
CA ASP D 155 -28.67 -24.70 7.17
C ASP D 155 -27.59 -23.76 7.66
N ILE D 156 -26.96 -24.09 8.78
CA ILE D 156 -25.85 -23.29 9.29
C ILE D 156 -24.66 -23.52 8.37
N LYS D 157 -24.14 -22.43 7.81
CA LYS D 157 -22.96 -22.46 6.94
C LYS D 157 -22.41 -21.04 6.84
N SER D 158 -21.17 -20.90 6.38
CA SER D 158 -20.57 -19.56 6.38
C SER D 158 -21.25 -18.62 5.39
N ALA D 159 -21.92 -19.14 4.36
CA ALA D 159 -22.66 -18.28 3.45
C ALA D 159 -23.89 -17.67 4.11
N ASN D 160 -24.39 -18.27 5.20
CA ASN D 160 -25.55 -17.76 5.91
C ASN D 160 -25.18 -17.01 7.18
N ILE D 161 -23.91 -16.69 7.35
CA ILE D 161 -23.46 -15.84 8.45
C ILE D 161 -22.99 -14.55 7.80
N LEU D 162 -23.78 -13.48 7.97
CA LEU D 162 -23.49 -12.21 7.32
C LEU D 162 -22.82 -11.25 8.31
N LEU D 163 -22.27 -10.16 7.77
CA LEU D 163 -21.36 -9.31 8.54
C LEU D 163 -21.75 -7.84 8.39
N ASP D 164 -21.99 -7.18 9.52
CA ASP D 164 -22.53 -5.83 9.43
C ASP D 164 -21.41 -4.80 9.37
N GLU D 165 -21.75 -3.51 9.63
CA GLU D 165 -20.80 -2.41 9.55
C GLU D 165 -19.69 -2.48 10.59
N ALA D 166 -19.84 -3.33 11.61
CA ALA D 166 -18.79 -3.55 12.60
C ALA D 166 -18.28 -4.99 12.56
N PHE D 167 -18.55 -5.71 11.48
CA PHE D 167 -18.18 -7.13 11.35
C PHE D 167 -18.77 -7.96 12.49
N THR D 168 -19.95 -7.58 12.94
CA THR D 168 -20.72 -8.39 13.86
C THR D 168 -21.40 -9.49 13.06
N ALA D 169 -21.35 -10.72 13.58
CA ALA D 169 -21.97 -11.83 12.86
C ALA D 169 -23.48 -11.80 13.01
N LYS D 170 -24.18 -12.09 11.91
CA LYS D 170 -25.64 -12.08 11.88
C LYS D 170 -26.09 -13.33 11.13
N ILE D 171 -26.72 -14.26 11.83
CA ILE D 171 -27.24 -15.46 11.16
C ILE D 171 -28.40 -15.07 10.25
N SER D 172 -28.49 -15.72 9.08
CA SER D 172 -29.53 -15.43 8.10
C SER D 172 -30.14 -16.73 7.59
N ASP D 173 -31.22 -16.57 6.81
CA ASP D 173 -31.87 -17.66 6.08
C ASP D 173 -32.56 -18.68 6.98
N PHE D 174 -33.76 -18.35 7.42
CA PHE D 174 -34.53 -19.17 8.34
C PHE D 174 -35.66 -19.91 7.64
N GLY D 175 -35.61 -20.00 6.30
CA GLY D 175 -36.69 -20.63 5.56
C GLY D 175 -36.83 -22.11 5.84
N LEU D 176 -35.73 -22.77 6.22
CA LEU D 176 -35.75 -24.21 6.47
C LEU D 176 -35.92 -24.54 7.94
N ALA D 177 -36.08 -23.53 8.80
CA ALA D 177 -36.11 -23.77 10.23
C ALA D 177 -37.27 -24.68 10.63
N ARG D 178 -37.09 -25.39 11.74
CA ARG D 178 -38.09 -26.28 12.28
C ARG D 178 -38.14 -26.12 13.79
N ALA D 179 -39.28 -26.46 14.39
CA ALA D 179 -39.39 -26.38 15.84
C ALA D 179 -38.63 -27.53 16.49
N SER D 180 -38.05 -27.26 17.65
CA SER D 180 -37.43 -28.30 18.46
C SER D 180 -38.33 -28.63 19.65
N GLU D 181 -38.07 -29.78 20.27
CA GLU D 181 -38.82 -30.20 21.43
C GLU D 181 -37.92 -30.91 22.43
N VAL D 187 -37.12 -36.90 15.58
CA VAL D 187 -37.99 -36.52 14.47
C VAL D 187 -37.30 -36.80 13.13
N MET D 188 -38.05 -37.36 12.19
CA MET D 188 -37.55 -37.65 10.85
C MET D 188 -38.33 -36.96 9.74
N ARG D 191 -37.72 -35.42 3.30
CA ARG D 191 -37.11 -34.41 2.45
C ARG D 191 -35.82 -33.91 3.08
N ILE D 192 -34.69 -34.46 2.64
CA ILE D 192 -33.39 -34.10 3.20
C ILE D 192 -32.94 -32.78 2.58
N VAL D 193 -32.77 -31.76 3.42
CA VAL D 193 -32.35 -30.44 2.96
C VAL D 193 -31.12 -30.02 3.75
N GLY D 194 -30.37 -29.09 3.18
CA GLY D 194 -29.13 -28.61 3.74
C GLY D 194 -28.02 -28.65 2.72
N THR D 195 -26.82 -28.29 3.18
CA THR D 195 -25.62 -28.28 2.36
C THR D 195 -24.71 -29.43 2.79
N THR D 196 -24.53 -30.41 1.90
CA THR D 196 -23.87 -31.68 2.23
C THR D 196 -22.60 -31.48 3.03
N ALA D 197 -21.75 -30.54 2.61
CA ALA D 197 -20.43 -30.37 3.24
C ALA D 197 -20.48 -29.90 4.69
N TYR D 198 -21.62 -29.35 5.14
CA TYR D 198 -21.73 -28.89 6.52
C TYR D 198 -22.57 -29.83 7.39
N MET D 199 -23.10 -30.88 6.83
CA MET D 199 -24.23 -31.56 7.46
C MET D 199 -23.75 -32.71 8.34
N ALA D 200 -24.41 -32.85 9.50
CA ALA D 200 -24.18 -33.99 10.38
C ALA D 200 -24.61 -35.29 9.71
N PRO D 201 -24.03 -36.42 10.11
CA PRO D 201 -24.46 -37.69 9.50
C PRO D 201 -25.93 -37.97 9.72
N GLU D 202 -26.44 -37.67 10.91
CA GLU D 202 -27.84 -37.99 11.19
C GLU D 202 -28.76 -37.09 10.40
N ALA D 203 -28.34 -35.84 10.16
CA ALA D 203 -29.10 -34.96 9.26
C ALA D 203 -29.12 -35.52 7.85
N LEU D 204 -27.98 -36.05 7.36
CA LEU D 204 -27.97 -36.66 6.04
C LEU D 204 -28.85 -37.90 5.96
N ARG D 205 -29.20 -38.50 7.09
CA ARG D 205 -30.09 -39.65 7.14
C ARG D 205 -31.55 -39.27 7.34
N GLY D 206 -31.84 -37.97 7.50
CA GLY D 206 -33.19 -37.49 7.63
C GLY D 206 -33.65 -37.11 9.02
N GLU D 207 -32.76 -37.12 10.01
CA GLU D 207 -33.14 -36.71 11.35
C GLU D 207 -33.17 -35.19 11.42
N ILE D 208 -34.11 -34.68 12.22
CA ILE D 208 -34.22 -33.24 12.48
C ILE D 208 -33.95 -33.03 13.95
N THR D 209 -32.85 -32.34 14.28
CA THR D 209 -32.45 -32.17 15.67
C THR D 209 -31.53 -30.98 15.85
N PRO D 210 -31.64 -30.23 16.96
CA PRO D 210 -30.73 -29.11 17.18
C PRO D 210 -29.27 -29.53 17.24
N LYS D 211 -29.01 -30.79 17.62
CA LYS D 211 -27.63 -31.25 17.65
C LYS D 211 -26.96 -31.20 16.29
N SER D 212 -27.76 -31.21 15.21
CA SER D 212 -27.17 -31.08 13.88
C SER D 212 -26.67 -29.67 13.61
N ASP D 213 -27.33 -28.66 14.17
CA ASP D 213 -26.83 -27.29 14.05
C ASP D 213 -25.46 -27.17 14.68
N ILE D 214 -25.23 -27.88 15.79
CA ILE D 214 -23.93 -27.84 16.48
C ILE D 214 -22.83 -28.40 15.59
N TYR D 215 -23.10 -29.54 14.94
CA TYR D 215 -22.13 -30.13 14.03
C TYR D 215 -21.78 -29.15 12.91
N SER D 216 -22.81 -28.56 12.27
CA SER D 216 -22.56 -27.62 11.18
C SER D 216 -21.76 -26.43 11.66
N PHE D 217 -22.01 -25.98 12.89
CA PHE D 217 -21.22 -24.88 13.43
C PHE D 217 -19.75 -25.29 13.58
N GLY D 218 -19.49 -26.55 13.95
CA GLY D 218 -18.13 -27.02 14.02
C GLY D 218 -17.41 -26.89 12.69
N VAL D 219 -18.08 -27.26 11.59
CA VAL D 219 -17.48 -27.08 10.27
C VAL D 219 -17.16 -25.60 10.04
N VAL D 220 -18.08 -24.70 10.41
CA VAL D 220 -17.82 -23.26 10.25
C VAL D 220 -16.57 -22.85 11.03
N LEU D 221 -16.38 -23.40 12.23
CA LEU D 221 -15.18 -23.06 13.00
C LEU D 221 -13.92 -23.51 12.28
N LEU D 222 -13.96 -24.68 11.62
CA LEU D 222 -12.82 -25.09 10.79
C LEU D 222 -12.60 -24.12 9.63
N GLU D 223 -13.66 -23.62 9.01
CA GLU D 223 -13.49 -22.64 7.94
C GLU D 223 -12.83 -21.38 8.48
N ILE D 224 -13.22 -20.96 9.68
CA ILE D 224 -12.69 -19.75 10.29
C ILE D 224 -11.20 -19.91 10.60
N ILE D 225 -10.81 -21.07 11.12
CA ILE D 225 -9.40 -21.30 11.45
C ILE D 225 -8.52 -21.37 10.21
N THR D 226 -8.98 -22.11 9.18
CA THR D 226 -8.16 -22.44 8.02
C THR D 226 -8.31 -21.44 6.89
N GLY D 227 -9.43 -20.73 6.82
CA GLY D 227 -9.73 -19.92 5.66
C GLY D 227 -10.17 -20.71 4.44
N LEU D 228 -10.39 -22.03 4.58
CA LEU D 228 -10.75 -22.92 3.48
C LEU D 228 -12.26 -23.14 3.45
N PRO D 229 -12.89 -23.13 2.28
CA PRO D 229 -14.33 -23.47 2.23
C PRO D 229 -14.54 -24.92 2.61
N ALA D 230 -15.73 -25.22 3.12
CA ALA D 230 -16.02 -26.58 3.59
C ALA D 230 -15.88 -27.61 2.47
N VAL D 231 -16.25 -27.26 1.25
CA VAL D 231 -16.02 -28.14 0.11
C VAL D 231 -15.30 -27.35 -0.98
N ASP D 232 -14.39 -28.02 -1.67
CA ASP D 232 -13.68 -27.44 -2.80
C ASP D 232 -13.33 -28.61 -3.72
N GLU D 233 -14.04 -28.70 -4.84
CA GLU D 233 -13.86 -29.82 -5.75
C GLU D 233 -12.52 -29.79 -6.47
N HIS D 234 -11.75 -28.72 -6.32
CA HIS D 234 -10.41 -28.64 -6.91
C HIS D 234 -9.32 -28.77 -5.87
N ARG D 235 -9.66 -29.26 -4.69
CA ARG D 235 -8.73 -29.40 -3.57
C ARG D 235 -8.61 -30.87 -3.16
N GLU D 236 -7.47 -31.22 -2.57
CA GLU D 236 -7.27 -32.50 -1.90
C GLU D 236 -6.85 -32.26 -0.46
N PRO D 237 -7.64 -32.65 0.54
CA PRO D 237 -8.96 -33.32 0.44
C PRO D 237 -10.05 -32.36 -0.02
N GLN D 238 -11.06 -32.88 -0.73
CA GLN D 238 -12.19 -32.04 -1.14
C GLN D 238 -12.98 -31.53 0.05
N LEU D 239 -13.13 -32.34 1.09
CA LEU D 239 -13.96 -31.98 2.24
C LEU D 239 -13.08 -31.52 3.40
N LEU D 240 -13.38 -30.33 3.93
CA LEU D 240 -12.64 -29.80 5.07
C LEU D 240 -12.73 -30.73 6.28
N LEU D 241 -13.86 -31.41 6.44
CA LEU D 241 -14.03 -32.38 7.52
C LEU D 241 -12.91 -33.40 7.59
N ASP D 242 -12.36 -33.80 6.44
CA ASP D 242 -11.26 -34.75 6.40
C ASP D 242 -10.01 -34.29 7.15
N ILE D 243 -9.82 -32.97 7.37
CA ILE D 243 -8.61 -32.55 8.08
C ILE D 243 -8.68 -32.93 9.57
N LYS D 244 -9.88 -33.05 10.14
CA LYS D 244 -10.00 -33.53 11.51
C LYS D 244 -9.48 -34.95 11.65
N GLU D 245 -9.82 -35.83 10.69
CA GLU D 245 -9.28 -37.18 10.67
C GLU D 245 -7.75 -37.16 10.59
N GLU D 246 -7.20 -36.27 9.77
CA GLU D 246 -5.74 -36.18 9.66
C GLU D 246 -5.11 -35.78 10.98
N ILE D 247 -5.73 -34.84 11.69
CA ILE D 247 -5.17 -34.39 12.96
C ILE D 247 -5.31 -35.47 14.02
N GLU D 248 -6.49 -36.09 14.12
CA GLU D 248 -6.77 -37.00 15.23
C GLU D 248 -5.85 -38.21 15.22
N ASP D 249 -5.48 -38.68 14.03
CA ASP D 249 -4.54 -39.79 13.94
C ASP D 249 -3.12 -39.30 13.73
N GLU D 250 -2.83 -38.10 14.24
CA GLU D 250 -1.47 -37.60 14.47
C GLU D 250 -0.65 -37.46 13.20
N GLU D 251 -1.29 -37.50 12.03
CA GLU D 251 -0.57 -37.16 10.83
C GLU D 251 -0.27 -35.66 10.75
N LYS D 252 -1.06 -34.83 11.43
CA LYS D 252 -0.90 -33.38 11.32
C LYS D 252 -1.46 -32.70 12.57
N THR D 253 -1.23 -31.38 12.66
CA THR D 253 -1.75 -30.56 13.73
C THR D 253 -2.58 -29.44 13.14
N ILE D 254 -3.44 -28.82 13.97
CA ILE D 254 -4.23 -27.71 13.46
C ILE D 254 -3.31 -26.57 13.04
N GLU D 255 -2.15 -26.44 13.67
CA GLU D 255 -1.22 -25.37 13.29
C GLU D 255 -0.77 -25.52 11.85
N ASP D 256 -0.65 -26.76 11.36
CA ASP D 256 -0.34 -26.97 9.95
C ASP D 256 -1.37 -26.31 9.03
N TYR D 257 -2.60 -26.10 9.50
CA TYR D 257 -3.68 -25.63 8.65
C TYR D 257 -4.14 -24.21 8.92
N ILE D 258 -3.53 -23.51 9.88
CA ILE D 258 -3.95 -22.14 10.17
C ILE D 258 -3.83 -21.30 8.89
N ASP D 259 -4.86 -20.50 8.63
CA ASP D 259 -4.86 -19.57 7.51
C ASP D 259 -3.60 -18.72 7.51
N LYS D 260 -2.83 -18.80 6.43
CA LYS D 260 -1.62 -17.97 6.34
C LYS D 260 -1.92 -16.51 6.04
N LYS D 261 -3.17 -16.14 5.74
CA LYS D 261 -3.58 -14.77 5.47
C LYS D 261 -3.84 -13.95 6.73
N MET D 262 -3.36 -14.44 7.87
CA MET D 262 -3.56 -13.84 9.18
C MET D 262 -2.16 -13.52 9.68
N ASN D 263 -1.97 -12.45 10.44
CA ASN D 263 -0.66 -12.28 11.06
C ASN D 263 -0.74 -12.28 12.58
N ASP D 264 -1.94 -12.43 13.16
CA ASP D 264 -2.14 -12.31 14.60
C ASP D 264 -2.69 -13.59 15.24
N ALA D 265 -2.58 -14.74 14.57
CA ALA D 265 -2.98 -15.95 15.26
C ALA D 265 -1.94 -16.34 16.31
N ASP D 266 -2.40 -17.02 17.36
CA ASP D 266 -1.49 -17.61 18.33
C ASP D 266 -1.98 -19.03 18.58
N SER D 267 -1.04 -19.93 18.90
CA SER D 267 -1.38 -21.35 19.01
CA SER D 267 -1.40 -21.35 19.00
C SER D 267 -2.34 -21.62 20.16
N THR D 268 -2.27 -20.85 21.24
CA THR D 268 -3.13 -21.09 22.40
C THR D 268 -4.60 -20.91 22.04
N SER D 269 -4.95 -19.75 21.46
CA SER D 269 -6.36 -19.53 21.15
C SER D 269 -6.81 -20.35 19.95
N VAL D 270 -5.91 -20.60 18.98
CA VAL D 270 -6.32 -21.44 17.86
C VAL D 270 -6.62 -22.85 18.36
N GLU D 271 -5.80 -23.37 19.28
CA GLU D 271 -6.08 -24.70 19.82
C GLU D 271 -7.38 -24.71 20.60
N ALA D 272 -7.68 -23.62 21.31
CA ALA D 272 -8.94 -23.56 22.04
C ALA D 272 -10.14 -23.61 21.10
N MET D 273 -10.07 -22.92 19.96
CA MET D 273 -11.26 -22.95 19.13
C MET D 273 -11.30 -24.25 18.31
N TYR D 274 -10.15 -24.85 18.03
CA TYR D 274 -10.16 -26.18 17.42
C TYR D 274 -10.71 -27.24 18.37
N SER D 275 -10.44 -27.12 19.67
CA SER D 275 -11.00 -28.06 20.64
C SER D 275 -12.52 -27.96 20.67
N VAL D 276 -13.07 -26.75 20.57
CA VAL D 276 -14.51 -26.57 20.48
C VAL D 276 -15.05 -27.22 19.22
N ALA D 277 -14.42 -26.93 18.06
CA ALA D 277 -14.85 -27.51 16.80
C ALA D 277 -14.84 -29.04 16.85
N SER D 278 -13.76 -29.61 17.40
CA SER D 278 -13.64 -31.06 17.45
C SER D 278 -14.77 -31.69 18.25
N GLN D 279 -15.16 -31.04 19.36
CA GLN D 279 -16.30 -31.52 20.14
C GLN D 279 -17.60 -31.41 19.34
N CYS D 280 -17.79 -30.27 18.64
CA CYS D 280 -18.97 -30.12 17.79
C CYS D 280 -19.07 -31.20 16.73
N LEU D 281 -17.93 -31.74 16.29
CA LEU D 281 -17.89 -32.62 15.12
C LEU D 281 -17.87 -34.10 15.51
N HIS D 282 -18.19 -34.43 16.77
CA HIS D 282 -18.47 -35.81 17.13
C HIS D 282 -19.47 -36.43 16.16
N GLU D 283 -19.16 -37.63 15.67
CA GLU D 283 -20.05 -38.24 14.70
C GLU D 283 -21.36 -38.65 15.38
N LYS D 284 -21.30 -39.06 16.65
CA LYS D 284 -22.49 -39.40 17.43
C LYS D 284 -23.07 -38.13 18.02
N LYS D 285 -24.35 -37.88 17.76
CA LYS D 285 -24.95 -36.59 18.10
C LYS D 285 -25.00 -36.34 19.60
N ASN D 286 -25.13 -37.41 20.39
CA ASN D 286 -25.29 -37.24 21.83
C ASN D 286 -23.97 -36.97 22.53
N LYS D 287 -22.85 -37.06 21.83
CA LYS D 287 -21.57 -36.71 22.44
C LYS D 287 -21.18 -35.26 22.21
N ARG D 288 -21.94 -34.51 21.40
CA ARG D 288 -21.64 -33.12 21.14
C ARG D 288 -22.09 -32.23 22.30
N PRO D 289 -21.40 -31.12 22.54
CA PRO D 289 -21.91 -30.14 23.51
C PRO D 289 -23.19 -29.50 22.97
N ASP D 290 -23.97 -28.95 23.89
CA ASP D 290 -25.07 -28.11 23.43
C ASP D 290 -24.55 -26.69 23.19
N ILE D 291 -25.41 -25.84 22.61
CA ILE D 291 -24.93 -24.53 22.17
C ILE D 291 -24.54 -23.65 23.35
N LYS D 292 -25.19 -23.82 24.51
CA LYS D 292 -24.79 -23.06 25.69
C LYS D 292 -23.36 -23.40 26.09
N LYS D 293 -22.98 -24.68 26.06
CA LYS D 293 -21.60 -25.05 26.36
C LYS D 293 -20.63 -24.51 25.31
N VAL D 294 -21.00 -24.59 24.03
CA VAL D 294 -20.18 -24.03 22.95
C VAL D 294 -19.96 -22.54 23.19
N GLN D 295 -21.02 -21.84 23.58
CA GLN D 295 -20.93 -20.42 23.89
C GLN D 295 -19.91 -20.16 24.99
N GLN D 296 -20.02 -20.89 26.11
CA GLN D 296 -19.12 -20.69 27.24
C GLN D 296 -17.67 -20.95 26.86
N LEU D 297 -17.40 -22.00 26.08
CA LEU D 297 -16.03 -22.32 25.72
C LEU D 297 -15.42 -21.22 24.85
N LEU D 298 -16.20 -20.68 23.92
CA LEU D 298 -15.69 -19.61 23.08
C LEU D 298 -15.47 -18.33 23.88
N GLN D 299 -16.27 -18.11 24.93
CA GLN D 299 -16.04 -16.95 25.81
C GLN D 299 -14.78 -17.16 26.65
N GLU D 300 -14.55 -18.40 27.11
CA GLU D 300 -13.35 -18.70 27.85
C GLU D 300 -12.10 -18.53 26.99
N MET D 301 -12.21 -18.80 25.68
CA MET D 301 -11.06 -18.74 24.80
C MET D 301 -10.46 -17.33 24.75
N THR D 302 -11.30 -16.31 24.88
CA THR D 302 -10.80 -14.95 24.95
C THR D 302 -10.85 -14.48 26.40
#